data_6U7Y
# 
_entry.id   6U7Y 
# 
_audit_conform.dict_name       mmcif_pdbx.dic 
_audit_conform.dict_version    5.395 
_audit_conform.dict_location   http://mmcif.pdb.org/dictionaries/ascii/mmcif_pdbx.dic 
# 
loop_
_database_2.database_id 
_database_2.database_code 
_database_2.pdbx_database_accession 
_database_2.pdbx_DOI 
PDB   6U7Y         pdb_00006u7y 10.2210/pdb6u7y/pdb 
WWPDB D_1000244102 ?            ?                   
# 
loop_
_pdbx_audit_revision_history.ordinal 
_pdbx_audit_revision_history.data_content_type 
_pdbx_audit_revision_history.major_revision 
_pdbx_audit_revision_history.minor_revision 
_pdbx_audit_revision_history.revision_date 
1 'Structure model' 1 0 2020-12-09 
2 'Structure model' 1 1 2021-01-06 
3 'Structure model' 1 2 2021-02-03 
4 'Structure model' 1 3 2023-10-11 
5 'Structure model' 2 0 2024-07-03 
# 
_pdbx_audit_revision_details.ordinal             1 
_pdbx_audit_revision_details.revision_ordinal    1 
_pdbx_audit_revision_details.data_content_type   'Structure model' 
_pdbx_audit_revision_details.provider            repository 
_pdbx_audit_revision_details.type                'Initial release' 
_pdbx_audit_revision_details.description         ? 
_pdbx_audit_revision_details.details             ? 
# 
loop_
_pdbx_audit_revision_group.ordinal 
_pdbx_audit_revision_group.revision_ordinal 
_pdbx_audit_revision_group.data_content_type 
_pdbx_audit_revision_group.group 
1  2 'Structure model' 'Database references'     
2  3 'Structure model' 'Database references'     
3  4 'Structure model' 'Data collection'         
4  4 'Structure model' 'Database references'     
5  4 'Structure model' 'Refinement description'  
6  5 'Structure model' Advisory                  
7  5 'Structure model' 'Atomic model'            
8  5 'Structure model' 'Data collection'         
9  5 'Structure model' 'Derived calculations'    
10 5 'Structure model' 'Non-polymer description' 
11 5 'Structure model' 'Polymer sequence'        
12 5 'Structure model' 'Structure summary'       
# 
loop_
_pdbx_audit_revision_category.ordinal 
_pdbx_audit_revision_category.revision_ordinal 
_pdbx_audit_revision_category.data_content_type 
_pdbx_audit_revision_category.category 
1  2 'Structure model' citation                      
2  3 'Structure model' citation                      
3  4 'Structure model' chem_comp_atom                
4  4 'Structure model' chem_comp_bond                
5  4 'Structure model' database_2                    
6  4 'Structure model' pdbx_initial_refinement_model 
7  5 'Structure model' atom_site                     
8  5 'Structure model' chem_comp                     
9  5 'Structure model' chem_comp_atom                
10 5 'Structure model' chem_comp_bond                
11 5 'Structure model' entity_poly                   
12 5 'Structure model' entity_poly_seq               
13 5 'Structure model' ndb_struct_na_base_pair       
14 5 'Structure model' ndb_struct_na_base_pair_step  
15 5 'Structure model' pdbx_entity_nonpoly           
16 5 'Structure model' pdbx_nonpoly_scheme           
17 5 'Structure model' pdbx_poly_seq_scheme          
18 5 'Structure model' pdbx_unobs_or_zero_occ_atoms  
19 5 'Structure model' struct_conn                   
20 5 'Structure model' struct_site                   
# 
loop_
_pdbx_audit_revision_item.ordinal 
_pdbx_audit_revision_item.revision_ordinal 
_pdbx_audit_revision_item.data_content_type 
_pdbx_audit_revision_item.item 
1  2 'Structure model' '_citation.pdbx_database_id_DOI'            
2  2 'Structure model' '_citation.pdbx_database_id_PubMed'         
3  2 'Structure model' '_citation.title'                           
4  3 'Structure model' '_citation.journal_volume'                  
5  3 'Structure model' '_citation.page_first'                      
6  3 'Structure model' '_citation.page_last'                       
7  3 'Structure model' '_citation.year'                            
8  4 'Structure model' '_database_2.pdbx_DOI'                      
9  4 'Structure model' '_database_2.pdbx_database_accession'       
10 5 'Structure model' '_atom_site.B_iso_or_equiv'                 
11 5 'Structure model' '_atom_site.Cartn_x'                        
12 5 'Structure model' '_atom_site.Cartn_y'                        
13 5 'Structure model' '_atom_site.Cartn_z'                        
14 5 'Structure model' '_atom_site.auth_atom_id'                   
15 5 'Structure model' '_atom_site.auth_comp_id'                   
16 5 'Structure model' '_atom_site.group_PDB'                      
17 5 'Structure model' '_atom_site.label_atom_id'                  
18 5 'Structure model' '_atom_site.label_comp_id'                  
19 5 'Structure model' '_atom_site.type_symbol'                    
20 5 'Structure model' '_chem_comp.formula'                        
21 5 'Structure model' '_chem_comp.formula_weight'                 
22 5 'Structure model' '_chem_comp.id'                             
23 5 'Structure model' '_chem_comp.mon_nstd_flag'                  
24 5 'Structure model' '_chem_comp.name'                           
25 5 'Structure model' '_chem_comp.type'                           
26 5 'Structure model' '_entity_poly.pdbx_seq_one_letter_code'     
27 5 'Structure model' '_entity_poly.pdbx_seq_one_letter_code_can' 
28 5 'Structure model' '_entity_poly_seq.mon_id'                   
29 5 'Structure model' '_pdbx_entity_nonpoly.comp_id'              
30 5 'Structure model' '_pdbx_nonpoly_scheme.mon_id'               
31 5 'Structure model' '_pdbx_nonpoly_scheme.pdb_mon_id'           
32 5 'Structure model' '_pdbx_poly_seq_scheme.mon_id'              
33 5 'Structure model' '_pdbx_poly_seq_scheme.pdb_mon_id'          
34 5 'Structure model' '_struct_site.details'                      
35 5 'Structure model' '_struct_site.pdbx_auth_comp_id'            
# 
_pdbx_database_status.status_code                     REL 
_pdbx_database_status.status_code_sf                  REL 
_pdbx_database_status.status_code_mr                  ? 
_pdbx_database_status.entry_id                        6U7Y 
_pdbx_database_status.recvd_initial_deposition_date   2019-09-03 
_pdbx_database_status.SG_entry                        N 
_pdbx_database_status.deposit_site                    RCSB 
_pdbx_database_status.process_site                    RCSB 
_pdbx_database_status.status_code_cs                  ? 
_pdbx_database_status.methods_development_category    ? 
_pdbx_database_status.pdb_format_compatible           Y 
_pdbx_database_status.status_code_nmr_data            ? 
# 
loop_
_audit_author.name 
_audit_author.pdbx_ordinal 
_audit_author.identifier_ORCID 
'Szostak, J.W.' 1 ? 
'Zhang, W.'     2 ? 
# 
_citation.abstract                  ? 
_citation.abstract_id_CAS           ? 
_citation.book_id_ISBN              ? 
_citation.book_publisher            ? 
_citation.book_publisher_city       ? 
_citation.book_title                ? 
_citation.coordinate_linkage        ? 
_citation.country                   UK 
_citation.database_id_Medline       ? 
_citation.details                   ? 
_citation.id                        primary 
_citation.journal_abbrev            'Nucleic Acids Res.' 
_citation.journal_id_ASTM           NARHAD 
_citation.journal_id_CSD            0389 
_citation.journal_id_ISSN           1362-4962 
_citation.journal_full              ? 
_citation.journal_issue             ? 
_citation.journal_volume            49 
_citation.language                  ? 
_citation.page_first                646 
_citation.page_last                 656 
_citation.title                     
'Structural interpretation of the effects of threo-nucleotides on nonenzymatic template-directed polymerization.' 
_citation.year                      2021 
_citation.database_id_CSD           ? 
_citation.pdbx_database_id_DOI      10.1093/nar/gkaa1215 
_citation.pdbx_database_id_PubMed   33347562 
_citation.unpublished_flag          ? 
# 
loop_
_citation_author.citation_id 
_citation_author.name 
_citation_author.ordinal 
_citation_author.identifier_ORCID 
primary 'Zhang, W.'      1 ? 
primary 'Kim, S.C.'      2 ? 
primary 'Tam, C.P.'      3 ? 
primary 'Lelyveld, V.S.' 4 ? 
primary 'Bala, S.'       5 ? 
primary 'Chaput, J.C.'   6 ? 
primary 'Szostak, J.W.'  7 ? 
# 
loop_
_entity.id 
_entity.type 
_entity.src_method 
_entity.pdbx_description 
_entity.formula_weight 
_entity.pdbx_number_of_molecules 
_entity.pdbx_ec 
_entity.pdbx_mutation 
_entity.pdbx_fragment 
_entity.details 
1 polymer     syn 
;RNA (5'-R(*CP*UP*GP*CP*UP*GP*GP*CP*UP*AP*AP*GP*GP*(TG)P*CP*CP*GP*AP*AP*AP*GP*G)-3')
;
7121.296 1 ? ? ? ? 
2 polymer     syn 
;RNA (5'-R(*CP*UP*AP*UP*GP*CP*CP*UP*GP*CP*UP*G)-3')
;
3765.256 1 ? ? ? ? 
3 non-polymer syn "CYTIDINE-5'-MONOPHOSPHATE"                                                           323.197  1 ? ? ? ? 
4 water       nat water                                                                                 18.015   1 ? ? ? ? 
# 
loop_
_entity_poly.entity_id 
_entity_poly.type 
_entity_poly.nstd_linkage 
_entity_poly.nstd_monomer 
_entity_poly.pdbx_seq_one_letter_code 
_entity_poly.pdbx_seq_one_letter_code_can 
_entity_poly.pdbx_strand_id 
_entity_poly.pdbx_target_identifier 
1 polyribonucleotide no yes '(C5P)UGCUGGCUAAGG(TG)CCGAAAGG' XUGCUGGCUAAGGXCCGAAAGG A ? 
2 polyribonucleotide no no  CUAUGCCUGCUG                    CUAUGCCUGCUG           B ? 
# 
loop_
_pdbx_entity_nonpoly.entity_id 
_pdbx_entity_nonpoly.name 
_pdbx_entity_nonpoly.comp_id 
3 "CYTIDINE-5'-MONOPHOSPHATE" C5P 
4 water                       HOH 
# 
loop_
_entity_poly_seq.entity_id 
_entity_poly_seq.num 
_entity_poly_seq.mon_id 
_entity_poly_seq.hetero 
1 1  C5P n 
1 2  U   n 
1 3  G   n 
1 4  C   n 
1 5  U   n 
1 6  G   n 
1 7  G   n 
1 8  C   n 
1 9  U   n 
1 10 A   n 
1 11 A   n 
1 12 G   n 
1 13 G   n 
1 14 TG  n 
1 15 C   n 
1 16 C   n 
1 17 G   n 
1 18 A   n 
1 19 A   n 
1 20 A   n 
1 21 G   n 
1 22 G   n 
2 1  C   n 
2 2  U   n 
2 3  A   n 
2 4  U   n 
2 5  G   n 
2 6  C   n 
2 7  C   n 
2 8  U   n 
2 9  G   n 
2 10 C   n 
2 11 U   n 
2 12 G   n 
# 
loop_
_pdbx_entity_src_syn.entity_id 
_pdbx_entity_src_syn.pdbx_src_id 
_pdbx_entity_src_syn.pdbx_alt_source_flag 
_pdbx_entity_src_syn.pdbx_beg_seq_num 
_pdbx_entity_src_syn.pdbx_end_seq_num 
_pdbx_entity_src_syn.organism_scientific 
_pdbx_entity_src_syn.organism_common_name 
_pdbx_entity_src_syn.ncbi_taxonomy_id 
_pdbx_entity_src_syn.details 
1 1 sample 1 22 'synthetic construct' ? 32630 ? 
2 1 sample 1 12 'synthetic construct' ? 32630 ? 
# 
loop_
_chem_comp.id 
_chem_comp.type 
_chem_comp.mon_nstd_flag 
_chem_comp.name 
_chem_comp.pdbx_synonyms 
_chem_comp.formula 
_chem_comp.formula_weight 
A   'RNA linking' y "ADENOSINE-5'-MONOPHOSPHATE" ? 'C10 H14 N5 O7 P' 347.221 
C   'RNA linking' y "CYTIDINE-5'-MONOPHOSPHATE" ? 'C9 H14 N3 O8 P'  323.197 
C5P non-polymer   . "CYTIDINE-5'-MONOPHOSPHATE" ? 'C9 H14 N3 O8 P'  323.197 
G   'RNA linking' y "GUANOSINE-5'-MONOPHOSPHATE" ? 'C10 H14 N5 O8 P' 363.221 
HOH non-polymer   . WATER ? 'H2 O'            18.015  
TG  'RNA linking' n 
'2-azanyl-9-[(2~{R},3~{R},4~{S})-3-oxidanyl-4-[oxidanyl-bis(oxidanylidene)-$l^{6}-phosphanyl]oxy-oxolan-2-yl]-1~{H}-purin-6-one' ? 
'C9 H11 N5 O7 P'  332.187 
U   'RNA linking' y "URIDINE-5'-MONOPHOSPHATE" ? 'C9 H13 N2 O9 P'  324.181 
# 
loop_
_pdbx_poly_seq_scheme.asym_id 
_pdbx_poly_seq_scheme.entity_id 
_pdbx_poly_seq_scheme.seq_id 
_pdbx_poly_seq_scheme.mon_id 
_pdbx_poly_seq_scheme.ndb_seq_num 
_pdbx_poly_seq_scheme.pdb_seq_num 
_pdbx_poly_seq_scheme.auth_seq_num 
_pdbx_poly_seq_scheme.pdb_mon_id 
_pdbx_poly_seq_scheme.auth_mon_id 
_pdbx_poly_seq_scheme.pdb_strand_id 
_pdbx_poly_seq_scheme.pdb_ins_code 
_pdbx_poly_seq_scheme.hetero 
A 1 1  C5P 1  1  1  C5P C   A . n 
A 1 2  U   2  2  2  U   U   A . n 
A 1 3  G   3  3  3  G   G   A . n 
A 1 4  C   4  4  4  C   C   A . n 
A 1 5  U   5  5  5  U   U   A . n 
A 1 6  G   6  6  6  G   G   A . n 
A 1 7  G   7  7  7  G   G   A . n 
A 1 8  C   8  8  8  C   C   A . n 
A 1 9  U   9  9  9  U   U   A . n 
A 1 10 A   10 10 10 A   A   A . n 
A 1 11 A   11 11 11 A   A   A . n 
A 1 12 G   12 12 12 G   G   A . n 
A 1 13 G   13 13 13 G   G   A . n 
A 1 14 TG  14 14 14 TG  TFG A . n 
A 1 15 C   15 15 15 C   C   A . n 
A 1 16 C   16 16 16 C   C   A . n 
A 1 17 G   17 17 17 G   G   A . n 
A 1 18 A   18 18 18 A   A   A . n 
A 1 19 A   19 19 19 A   A   A . n 
A 1 20 A   20 20 20 A   A   A . n 
A 1 21 G   21 21 21 G   G   A . n 
A 1 22 G   22 22 22 G   G   A . n 
B 2 1  C   1  1  1  C   C   B . n 
B 2 2  U   2  2  2  U   U   B . n 
B 2 3  A   3  3  3  A   A   B . n 
B 2 4  U   4  4  4  U   U   B . n 
B 2 5  G   5  5  5  G   G   B . n 
B 2 6  C   6  6  6  C   C   B . n 
B 2 7  C   7  7  7  C   C   B . n 
B 2 8  U   8  8  8  U   U   B . n 
B 2 9  G   9  9  9  G   G   B . n 
B 2 10 C   10 10 10 C   C   B . n 
B 2 11 U   11 11 11 U   U   B . n 
B 2 12 G   12 12 12 G   G   B . n 
# 
loop_
_pdbx_nonpoly_scheme.asym_id 
_pdbx_nonpoly_scheme.entity_id 
_pdbx_nonpoly_scheme.mon_id 
_pdbx_nonpoly_scheme.ndb_seq_num 
_pdbx_nonpoly_scheme.pdb_seq_num 
_pdbx_nonpoly_scheme.auth_seq_num 
_pdbx_nonpoly_scheme.pdb_mon_id 
_pdbx_nonpoly_scheme.auth_mon_id 
_pdbx_nonpoly_scheme.pdb_strand_id 
_pdbx_nonpoly_scheme.pdb_ins_code 
C 3 C5P 1 101 1 C5P C   A . 
D 4 HOH 1 101 1 HOH HOH B . 
# 
_pdbx_unobs_or_zero_occ_atoms.id               1 
_pdbx_unobs_or_zero_occ_atoms.PDB_model_num    1 
_pdbx_unobs_or_zero_occ_atoms.polymer_flag     Y 
_pdbx_unobs_or_zero_occ_atoms.occupancy_flag   1 
_pdbx_unobs_or_zero_occ_atoms.auth_asym_id     A 
_pdbx_unobs_or_zero_occ_atoms.auth_comp_id     C5P 
_pdbx_unobs_or_zero_occ_atoms.auth_seq_id      1 
_pdbx_unobs_or_zero_occ_atoms.PDB_ins_code     ? 
_pdbx_unobs_or_zero_occ_atoms.auth_atom_id     O3P 
_pdbx_unobs_or_zero_occ_atoms.label_alt_id     ? 
_pdbx_unobs_or_zero_occ_atoms.label_asym_id    A 
_pdbx_unobs_or_zero_occ_atoms.label_comp_id    C5P 
_pdbx_unobs_or_zero_occ_atoms.label_seq_id     1 
_pdbx_unobs_or_zero_occ_atoms.label_atom_id    O3P 
# 
loop_
_software.citation_id 
_software.classification 
_software.compiler_name 
_software.compiler_version 
_software.contact_author 
_software.contact_author_email 
_software.date 
_software.description 
_software.dependencies 
_software.hardware 
_software.language 
_software.location 
_software.mods 
_software.name 
_software.os 
_software.os_version 
_software.type 
_software.version 
_software.pdbx_ordinal 
? refinement       ? ? ? ? ? ? ? ? ? ? ? REFMAC   ? ? ? 5.8.0189 1 
? 'data reduction' ? ? ? ? ? ? ? ? ? ? ? HKL-2000 ? ? ? .        2 
? 'data scaling'   ? ? ? ? ? ? ? ? ? ? ? HKL-2000 ? ? ? .        3 
? phasing          ? ? ? ? ? ? ? ? ? ? ? PHASER   ? ? ? .        4 
# 
_cell.angle_alpha                  90.00 
_cell.angle_alpha_esd              ? 
_cell.angle_beta                   90.00 
_cell.angle_beta_esd               ? 
_cell.angle_gamma                  120.00 
_cell.angle_gamma_esd              ? 
_cell.entry_id                     6U7Y 
_cell.details                      ? 
_cell.formula_units_Z              ? 
_cell.length_a                     68.766 
_cell.length_a_esd                 ? 
_cell.length_b                     68.766 
_cell.length_b_esd                 ? 
_cell.length_c                     69.960 
_cell.length_c_esd                 ? 
_cell.volume                       ? 
_cell.volume_esd                   ? 
_cell.Z_PDB                        9 
_cell.reciprocal_angle_alpha       ? 
_cell.reciprocal_angle_beta        ? 
_cell.reciprocal_angle_gamma       ? 
_cell.reciprocal_angle_alpha_esd   ? 
_cell.reciprocal_angle_beta_esd    ? 
_cell.reciprocal_angle_gamma_esd   ? 
_cell.reciprocal_length_a          ? 
_cell.reciprocal_length_b          ? 
_cell.reciprocal_length_c          ? 
_cell.reciprocal_length_a_esd      ? 
_cell.reciprocal_length_b_esd      ? 
_cell.reciprocal_length_c_esd      ? 
_cell.pdbx_unique_axis             ? 
# 
_symmetry.entry_id                         6U7Y 
_symmetry.cell_setting                     ? 
_symmetry.Int_Tables_number                146 
_symmetry.space_group_name_Hall            ? 
_symmetry.space_group_name_H-M             'H 3' 
_symmetry.pdbx_full_space_group_name_H-M   ? 
# 
_exptl.absorpt_coefficient_mu     ? 
_exptl.absorpt_correction_T_max   ? 
_exptl.absorpt_correction_T_min   ? 
_exptl.absorpt_correction_type    ? 
_exptl.absorpt_process_details    ? 
_exptl.entry_id                   6U7Y 
_exptl.crystals_number            1 
_exptl.details                    ? 
_exptl.method                     'X-RAY DIFFRACTION' 
_exptl.method_details             ? 
# 
_exptl_crystal.colour                      ? 
_exptl_crystal.density_diffrn              ? 
_exptl_crystal.density_Matthews            2.90 
_exptl_crystal.density_method              ? 
_exptl_crystal.density_percent_sol         57.58 
_exptl_crystal.description                 ? 
_exptl_crystal.F_000                       ? 
_exptl_crystal.id                          1 
_exptl_crystal.preparation                 ? 
_exptl_crystal.size_max                    ? 
_exptl_crystal.size_mid                    ? 
_exptl_crystal.size_min                    ? 
_exptl_crystal.size_rad                    ? 
_exptl_crystal.colour_lustre               ? 
_exptl_crystal.colour_modifier             ? 
_exptl_crystal.colour_primary              ? 
_exptl_crystal.density_meas                ? 
_exptl_crystal.density_meas_esd            ? 
_exptl_crystal.density_meas_gt             ? 
_exptl_crystal.density_meas_lt             ? 
_exptl_crystal.density_meas_temp           ? 
_exptl_crystal.density_meas_temp_esd       ? 
_exptl_crystal.density_meas_temp_gt        ? 
_exptl_crystal.density_meas_temp_lt        ? 
_exptl_crystal.pdbx_crystal_image_url      ? 
_exptl_crystal.pdbx_crystal_image_format   ? 
_exptl_crystal.pdbx_mosaicity              ? 
_exptl_crystal.pdbx_mosaicity_esd          ? 
# 
_exptl_crystal_grow.apparatus       ? 
_exptl_crystal_grow.atmosphere      ? 
_exptl_crystal_grow.crystal_id      1 
_exptl_crystal_grow.details         ? 
_exptl_crystal_grow.method          'VAPOR DIFFUSION, SITTING DROP' 
_exptl_crystal_grow.method_ref      ? 
_exptl_crystal_grow.pH              7.5 
_exptl_crystal_grow.pressure        ? 
_exptl_crystal_grow.pressure_esd    ? 
_exptl_crystal_grow.seeding         ? 
_exptl_crystal_grow.seeding_ref     ? 
_exptl_crystal_grow.temp            291 
_exptl_crystal_grow.temp_details    ? 
_exptl_crystal_grow.temp_esd        ? 
_exptl_crystal_grow.time            ? 
_exptl_crystal_grow.pdbx_details    '0.2 M Lithium sulfate monohydrate, 0.1 M HEPES pH 7.5, 25% w/v Polyethylene glycol 3,350' 
_exptl_crystal_grow.pdbx_pH_range   ? 
# 
_diffrn.ambient_environment              ? 
_diffrn.ambient_temp                     99 
_diffrn.ambient_temp_details             ? 
_diffrn.ambient_temp_esd                 ? 
_diffrn.crystal_id                       1 
_diffrn.crystal_support                  ? 
_diffrn.crystal_treatment                ? 
_diffrn.details                          ? 
_diffrn.id                               1 
_diffrn.ambient_pressure                 ? 
_diffrn.ambient_pressure_esd             ? 
_diffrn.ambient_pressure_gt              ? 
_diffrn.ambient_pressure_lt              ? 
_diffrn.ambient_temp_gt                  ? 
_diffrn.ambient_temp_lt                  ? 
_diffrn.pdbx_serial_crystal_experiment   N 
# 
_diffrn_detector.details                      ? 
_diffrn_detector.detector                     CCD 
_diffrn_detector.diffrn_id                    1 
_diffrn_detector.type                         'MAR CCD 130 mm' 
_diffrn_detector.area_resol_mean              ? 
_diffrn_detector.dtime                        ? 
_diffrn_detector.pdbx_frames_total            ? 
_diffrn_detector.pdbx_collection_time_total   ? 
_diffrn_detector.pdbx_collection_date         2019-08-15 
_diffrn_detector.pdbx_frequency               ? 
# 
_diffrn_radiation.collimation                      ? 
_diffrn_radiation.diffrn_id                        1 
_diffrn_radiation.filter_edge                      ? 
_diffrn_radiation.inhomogeneity                    ? 
_diffrn_radiation.monochromator                    ? 
_diffrn_radiation.polarisn_norm                    ? 
_diffrn_radiation.polarisn_ratio                   ? 
_diffrn_radiation.probe                            ? 
_diffrn_radiation.type                             ? 
_diffrn_radiation.xray_symbol                      ? 
_diffrn_radiation.wavelength_id                    1 
_diffrn_radiation.pdbx_monochromatic_or_laue_m_l   M 
_diffrn_radiation.pdbx_wavelength_list             ? 
_diffrn_radiation.pdbx_wavelength                  ? 
_diffrn_radiation.pdbx_diffrn_protocol             'SINGLE WAVELENGTH' 
_diffrn_radiation.pdbx_analyzer                    ? 
_diffrn_radiation.pdbx_scattering_type             x-ray 
# 
_diffrn_radiation_wavelength.id           1 
_diffrn_radiation_wavelength.wavelength   1 
_diffrn_radiation_wavelength.wt           1.0 
# 
_diffrn_source.current                     ? 
_diffrn_source.details                     ? 
_diffrn_source.diffrn_id                   1 
_diffrn_source.power                       ? 
_diffrn_source.size                        ? 
_diffrn_source.source                      SYNCHROTRON 
_diffrn_source.target                      ? 
_diffrn_source.type                        'ALS BEAMLINE 8.2.2' 
_diffrn_source.voltage                     ? 
_diffrn_source.take-off_angle              ? 
_diffrn_source.pdbx_wavelength_list        1 
_diffrn_source.pdbx_wavelength             ? 
_diffrn_source.pdbx_synchrotron_beamline   8.2.2 
_diffrn_source.pdbx_synchrotron_site       ALS 
# 
_reflns.B_iso_Wilson_estimate            ? 
_reflns.entry_id                         6U7Y 
_reflns.data_reduction_details           ? 
_reflns.data_reduction_method            ? 
_reflns.d_resolution_high                2.95 
_reflns.d_resolution_low                 50 
_reflns.details                          ? 
_reflns.limit_h_max                      ? 
_reflns.limit_h_min                      ? 
_reflns.limit_k_max                      ? 
_reflns.limit_k_min                      ? 
_reflns.limit_l_max                      ? 
_reflns.limit_l_min                      ? 
_reflns.number_all                       ? 
_reflns.number_obs                       2599 
_reflns.observed_criterion               ? 
_reflns.observed_criterion_F_max         ? 
_reflns.observed_criterion_F_min         ? 
_reflns.observed_criterion_I_max         ? 
_reflns.observed_criterion_I_min         ? 
_reflns.observed_criterion_sigma_F       ? 
_reflns.observed_criterion_sigma_I       ? 
_reflns.percent_possible_obs             98.5 
_reflns.R_free_details                   ? 
_reflns.Rmerge_F_all                     ? 
_reflns.Rmerge_F_obs                     ? 
_reflns.Friedel_coverage                 ? 
_reflns.number_gt                        ? 
_reflns.threshold_expression             ? 
_reflns.pdbx_redundancy                  6.0 
_reflns.pdbx_Rmerge_I_obs                0.116 
_reflns.pdbx_Rmerge_I_all                ? 
_reflns.pdbx_Rsym_value                  ? 
_reflns.pdbx_netI_over_av_sigmaI         ? 
_reflns.pdbx_netI_over_sigmaI            10.3 
_reflns.pdbx_res_netI_over_av_sigmaI_2   ? 
_reflns.pdbx_res_netI_over_sigmaI_2      ? 
_reflns.pdbx_chi_squared                 1.149 
_reflns.pdbx_scaling_rejects             ? 
_reflns.pdbx_d_res_high_opt              ? 
_reflns.pdbx_d_res_low_opt               ? 
_reflns.pdbx_d_res_opt_method            ? 
_reflns.phase_calculation_details        ? 
_reflns.pdbx_Rrim_I_all                  0.141 
_reflns.pdbx_Rpim_I_all                  0.079 
_reflns.pdbx_d_opt                       ? 
_reflns.pdbx_number_measured_all         ? 
_reflns.pdbx_diffrn_id                   1 
_reflns.pdbx_ordinal                     1 
_reflns.pdbx_CC_half                     1.0 
_reflns.pdbx_R_split                     ? 
# 
_reflns_shell.d_res_high                  2.95 
_reflns_shell.d_res_low                   3.06 
_reflns_shell.meanI_over_sigI_all         ? 
_reflns_shell.meanI_over_sigI_obs         1.83 
_reflns_shell.number_measured_all         ? 
_reflns_shell.number_measured_obs         ? 
_reflns_shell.number_possible             ? 
_reflns_shell.number_unique_all           ? 
_reflns_shell.number_unique_obs           263 
_reflns_shell.percent_possible_all        89.6 
_reflns_shell.percent_possible_obs        ? 
_reflns_shell.Rmerge_F_all                ? 
_reflns_shell.Rmerge_F_obs                ? 
_reflns_shell.Rmerge_I_all                ? 
_reflns_shell.Rmerge_I_obs                0.332 
_reflns_shell.meanI_over_sigI_gt          ? 
_reflns_shell.meanI_over_uI_all           ? 
_reflns_shell.meanI_over_uI_gt            ? 
_reflns_shell.number_measured_gt          ? 
_reflns_shell.number_unique_gt            ? 
_reflns_shell.percent_possible_gt         ? 
_reflns_shell.Rmerge_F_gt                 ? 
_reflns_shell.Rmerge_I_gt                 ? 
_reflns_shell.pdbx_redundancy             4.5 
_reflns_shell.pdbx_Rsym_value             ? 
_reflns_shell.pdbx_chi_squared            1.15 
_reflns_shell.pdbx_netI_over_sigmaI_all   ? 
_reflns_shell.pdbx_netI_over_sigmaI_obs   ? 
_reflns_shell.pdbx_Rrim_I_all             0.413 
_reflns_shell.pdbx_Rpim_I_all             0.243 
_reflns_shell.pdbx_rejects                ? 
_reflns_shell.pdbx_ordinal                1 
_reflns_shell.pdbx_diffrn_id              1 
_reflns_shell.pdbx_CC_half                0.956 
_reflns_shell.pdbx_R_split                ? 
# 
_refine.aniso_B[1][1]                            0.06 
_refine.aniso_B[1][2]                            0.03 
_refine.aniso_B[1][3]                            0.00 
_refine.aniso_B[2][2]                            0.06 
_refine.aniso_B[2][3]                            0.00 
_refine.aniso_B[3][3]                            -0.19 
_refine.B_iso_max                                ? 
_refine.B_iso_mean                               62.634 
_refine.B_iso_min                                ? 
_refine.correlation_coeff_Fo_to_Fc               ? 
_refine.correlation_coeff_Fo_to_Fc_free          ? 
_refine.details                                  ? 
_refine.diff_density_max                         ? 
_refine.diff_density_max_esd                     ? 
_refine.diff_density_min                         ? 
_refine.diff_density_min_esd                     ? 
_refine.diff_density_rms                         ? 
_refine.diff_density_rms_esd                     ? 
_refine.entry_id                                 6U7Y 
_refine.pdbx_refine_id                           'X-RAY DIFFRACTION' 
_refine.ls_abs_structure_details                 ? 
_refine.ls_abs_structure_Flack                   ? 
_refine.ls_abs_structure_Flack_esd               ? 
_refine.ls_abs_structure_Rogers                  ? 
_refine.ls_abs_structure_Rogers_esd              ? 
_refine.ls_d_res_high                            2.95 
_refine.ls_d_res_low                             45.35 
_refine.ls_extinction_coef                       ? 
_refine.ls_extinction_coef_esd                   ? 
_refine.ls_extinction_expression                 ? 
_refine.ls_extinction_method                     ? 
_refine.ls_goodness_of_fit_all                   ? 
_refine.ls_goodness_of_fit_all_esd               ? 
_refine.ls_goodness_of_fit_obs                   ? 
_refine.ls_goodness_of_fit_obs_esd               ? 
_refine.ls_hydrogen_treatment                    ? 
_refine.ls_matrix_type                           ? 
_refine.ls_number_constraints                    ? 
_refine.ls_number_parameters                     ? 
_refine.ls_number_reflns_all                     ? 
_refine.ls_number_reflns_obs                     2463 
_refine.ls_number_reflns_R_free                  136 
_refine.ls_number_reflns_R_work                  ? 
_refine.ls_number_restraints                     ? 
_refine.ls_percent_reflns_obs                    99.27 
_refine.ls_percent_reflns_R_free                 5.2 
_refine.ls_R_factor_all                          ? 
_refine.ls_R_factor_obs                          0.186 
_refine.ls_R_factor_R_free                       0.256 
_refine.ls_R_factor_R_free_error                 ? 
_refine.ls_R_factor_R_free_error_details         ? 
_refine.ls_R_factor_R_work                       0.182 
_refine.ls_R_Fsqd_factor_obs                     ? 
_refine.ls_R_I_factor_obs                        ? 
_refine.ls_redundancy_reflns_all                 ? 
_refine.ls_redundancy_reflns_obs                 ? 
_refine.ls_restrained_S_all                      ? 
_refine.ls_restrained_S_obs                      ? 
_refine.ls_shift_over_esd_max                    ? 
_refine.ls_shift_over_esd_mean                   ? 
_refine.ls_structure_factor_coef                 ? 
_refine.ls_weighting_details                     ? 
_refine.ls_weighting_scheme                      ? 
_refine.ls_wR_factor_all                         ? 
_refine.ls_wR_factor_obs                         ? 
_refine.ls_wR_factor_R_free                      ? 
_refine.ls_wR_factor_R_work                      ? 
_refine.occupancy_max                            ? 
_refine.occupancy_min                            ? 
_refine.solvent_model_details                    ? 
_refine.solvent_model_param_bsol                 ? 
_refine.solvent_model_param_ksol                 ? 
_refine.ls_R_factor_gt                           ? 
_refine.ls_goodness_of_fit_gt                    ? 
_refine.ls_goodness_of_fit_ref                   ? 
_refine.ls_shift_over_su_max                     ? 
_refine.ls_shift_over_su_max_lt                  ? 
_refine.ls_shift_over_su_mean                    ? 
_refine.ls_shift_over_su_mean_lt                 ? 
_refine.pdbx_ls_sigma_I                          ? 
_refine.pdbx_ls_sigma_F                          ? 
_refine.pdbx_ls_sigma_Fsqd                       ? 
_refine.pdbx_data_cutoff_high_absF               ? 
_refine.pdbx_data_cutoff_high_rms_absF           ? 
_refine.pdbx_data_cutoff_low_absF                ? 
_refine.pdbx_isotropic_thermal_model             ? 
_refine.pdbx_ls_cross_valid_method               THROUGHOUT 
_refine.pdbx_method_to_determine_struct          'MOLECULAR REPLACEMENT' 
_refine.pdbx_starting_model                      5VCI 
_refine.pdbx_stereochemistry_target_values       ? 
_refine.pdbx_R_Free_selection_details            random 
_refine.pdbx_stereochem_target_val_spec_case     ? 
_refine.pdbx_overall_ESU_R                       0 
_refine.pdbx_overall_ESU_R_Free                  0.422 
_refine.pdbx_solvent_vdw_probe_radii             ? 
_refine.pdbx_solvent_ion_probe_radii             ? 
_refine.pdbx_solvent_shrinkage_radii             ? 
_refine.pdbx_real_space_R                        ? 
_refine.pdbx_density_correlation                 ? 
_refine.pdbx_pd_number_of_powder_patterns        ? 
_refine.pdbx_pd_number_of_points                 ? 
_refine.pdbx_pd_meas_number_of_points            ? 
_refine.pdbx_pd_proc_ls_prof_R_factor            ? 
_refine.pdbx_pd_proc_ls_prof_wR_factor           ? 
_refine.pdbx_pd_Marquardt_correlation_coeff      ? 
_refine.pdbx_pd_Fsqrd_R_factor                   ? 
_refine.pdbx_pd_ls_matrix_band_width             ? 
_refine.pdbx_overall_phase_error                 ? 
_refine.pdbx_overall_SU_R_free_Cruickshank_DPI   ? 
_refine.pdbx_overall_SU_R_free_Blow_DPI          ? 
_refine.pdbx_overall_SU_R_Blow_DPI               ? 
_refine.pdbx_TLS_residual_ADP_flag               ? 
_refine.pdbx_diffrn_id                           1 
_refine.overall_SU_B                             ? 
_refine.overall_SU_ML                            0.419 
_refine.overall_SU_R_Cruickshank_DPI             ? 
_refine.overall_SU_R_free                        ? 
_refine.overall_FOM_free_R_set                   ? 
_refine.overall_FOM_work_R_set                   ? 
_refine.pdbx_average_fsc_overall                 ? 
_refine.pdbx_average_fsc_work                    ? 
_refine.pdbx_average_fsc_free                    ? 
# 
_refine_hist.pdbx_refine_id                   'X-RAY DIFFRACTION' 
_refine_hist.cycle_id                         LAST 
_refine_hist.pdbx_number_atoms_protein        0 
_refine_hist.pdbx_number_atoms_nucleic_acid   720 
_refine_hist.pdbx_number_atoms_ligand         21 
_refine_hist.number_atoms_solvent             1 
_refine_hist.number_atoms_total               742 
_refine_hist.d_res_high                       2.95 
_refine_hist.d_res_low                        45.35 
# 
_refine_ls_shell.pdbx_refine_id                   'X-RAY DIFFRACTION' 
_refine_ls_shell.d_res_high                       2.95 
_refine_ls_shell.d_res_low                        3.02 
_refine_ls_shell.number_reflns_all                ? 
_refine_ls_shell.number_reflns_obs                ? 
_refine_ls_shell.number_reflns_R_free             15 
_refine_ls_shell.number_reflns_R_work             171 
_refine_ls_shell.percent_reflns_obs               93 
_refine_ls_shell.percent_reflns_R_free            ? 
_refine_ls_shell.R_factor_all                     ? 
_refine_ls_shell.R_factor_obs                     ? 
_refine_ls_shell.R_factor_R_free                  0.380 
_refine_ls_shell.R_factor_R_free_error            ? 
_refine_ls_shell.R_factor_R_work                  0.405 
_refine_ls_shell.redundancy_reflns_all            ? 
_refine_ls_shell.redundancy_reflns_obs            ? 
_refine_ls_shell.wR_factor_all                    ? 
_refine_ls_shell.wR_factor_obs                    ? 
_refine_ls_shell.wR_factor_R_free                 ? 
_refine_ls_shell.wR_factor_R_work                 ? 
_refine_ls_shell.pdbx_total_number_of_bins_used   ? 
_refine_ls_shell.pdbx_phase_error                 ? 
_refine_ls_shell.pdbx_fsc_work                    ? 
_refine_ls_shell.pdbx_fsc_free                    ? 
# 
_struct.entry_id                     6U7Y 
_struct.title                        'RNA hairpin structure containing one TNA nucleotide as template' 
_struct.pdbx_model_details           ? 
_struct.pdbx_formula_weight          ? 
_struct.pdbx_formula_weight_method   ? 
_struct.pdbx_model_type_details      ? 
_struct.pdbx_CASP_flag               N 
# 
_struct_keywords.entry_id        6U7Y 
_struct_keywords.text            RNA 
_struct_keywords.pdbx_keywords   RNA 
# 
loop_
_struct_asym.id 
_struct_asym.pdbx_blank_PDB_chainid_flag 
_struct_asym.pdbx_modified 
_struct_asym.entity_id 
_struct_asym.details 
A N N 1 ? 
B N N 2 ? 
C N N 3 ? 
D N N 4 ? 
# 
loop_
_struct_ref.id 
_struct_ref.db_name 
_struct_ref.db_code 
_struct_ref.pdbx_db_accession 
_struct_ref.pdbx_db_isoform 
_struct_ref.entity_id 
_struct_ref.pdbx_seq_one_letter_code 
_struct_ref.pdbx_align_begin 
1 PDB 6U7Y 6U7Y ? 1 ? 1 
2 PDB 6U7Y 6U7Y ? 2 ? 1 
# 
loop_
_struct_ref_seq.align_id 
_struct_ref_seq.ref_id 
_struct_ref_seq.pdbx_PDB_id_code 
_struct_ref_seq.pdbx_strand_id 
_struct_ref_seq.seq_align_beg 
_struct_ref_seq.pdbx_seq_align_beg_ins_code 
_struct_ref_seq.seq_align_end 
_struct_ref_seq.pdbx_seq_align_end_ins_code 
_struct_ref_seq.pdbx_db_accession 
_struct_ref_seq.db_align_beg 
_struct_ref_seq.pdbx_db_align_beg_ins_code 
_struct_ref_seq.db_align_end 
_struct_ref_seq.pdbx_db_align_end_ins_code 
_struct_ref_seq.pdbx_auth_seq_align_beg 
_struct_ref_seq.pdbx_auth_seq_align_end 
1 1 6U7Y A 1 ? 22 ? 6U7Y 1 ? 22 ? 1 22 
2 2 6U7Y B 1 ? 12 ? 6U7Y 1 ? 12 ? 1 12 
# 
_pdbx_struct_assembly.id                   1 
_pdbx_struct_assembly.details              author_and_software_defined_assembly 
_pdbx_struct_assembly.method_details       PISA 
_pdbx_struct_assembly.oligomeric_details   dimeric 
_pdbx_struct_assembly.oligomeric_count     2 
# 
loop_
_pdbx_struct_assembly_prop.biol_id 
_pdbx_struct_assembly_prop.type 
_pdbx_struct_assembly_prop.value 
_pdbx_struct_assembly_prop.details 
1 'ABSA (A^2)' 1530 ? 
1 MORE         -5   ? 
1 'SSA (A^2)'  6130 ? 
# 
_pdbx_struct_assembly_gen.assembly_id       1 
_pdbx_struct_assembly_gen.oper_expression   1 
_pdbx_struct_assembly_gen.asym_id_list      A,B,C,D 
# 
_pdbx_struct_assembly_auth_evidence.id                     1 
_pdbx_struct_assembly_auth_evidence.assembly_id            1 
_pdbx_struct_assembly_auth_evidence.experimental_support   none 
_pdbx_struct_assembly_auth_evidence.details                ? 
# 
_pdbx_struct_oper_list.id                   1 
_pdbx_struct_oper_list.type                 'identity operation' 
_pdbx_struct_oper_list.name                 1_555 
_pdbx_struct_oper_list.symmetry_operation   x,y,z 
_pdbx_struct_oper_list.matrix[1][1]         1.0000000000 
_pdbx_struct_oper_list.matrix[1][2]         0.0000000000 
_pdbx_struct_oper_list.matrix[1][3]         0.0000000000 
_pdbx_struct_oper_list.vector[1]            0.0000000000 
_pdbx_struct_oper_list.matrix[2][1]         0.0000000000 
_pdbx_struct_oper_list.matrix[2][2]         1.0000000000 
_pdbx_struct_oper_list.matrix[2][3]         0.0000000000 
_pdbx_struct_oper_list.vector[2]            0.0000000000 
_pdbx_struct_oper_list.matrix[3][1]         0.0000000000 
_pdbx_struct_oper_list.matrix[3][2]         0.0000000000 
_pdbx_struct_oper_list.matrix[3][3]         1.0000000000 
_pdbx_struct_oper_list.vector[3]            0.0000000000 
# 
loop_
_struct_conn.id 
_struct_conn.conn_type_id 
_struct_conn.pdbx_leaving_atom_flag 
_struct_conn.pdbx_PDB_id 
_struct_conn.ptnr1_label_asym_id 
_struct_conn.ptnr1_label_comp_id 
_struct_conn.ptnr1_label_seq_id 
_struct_conn.ptnr1_label_atom_id 
_struct_conn.pdbx_ptnr1_label_alt_id 
_struct_conn.pdbx_ptnr1_PDB_ins_code 
_struct_conn.pdbx_ptnr1_standard_comp_id 
_struct_conn.ptnr1_symmetry 
_struct_conn.ptnr2_label_asym_id 
_struct_conn.ptnr2_label_comp_id 
_struct_conn.ptnr2_label_seq_id 
_struct_conn.ptnr2_label_atom_id 
_struct_conn.pdbx_ptnr2_label_alt_id 
_struct_conn.pdbx_ptnr2_PDB_ins_code 
_struct_conn.ptnr1_auth_asym_id 
_struct_conn.ptnr1_auth_comp_id 
_struct_conn.ptnr1_auth_seq_id 
_struct_conn.ptnr2_auth_asym_id 
_struct_conn.ptnr2_auth_comp_id 
_struct_conn.ptnr2_auth_seq_id 
_struct_conn.ptnr2_symmetry 
_struct_conn.pdbx_ptnr3_label_atom_id 
_struct_conn.pdbx_ptnr3_label_seq_id 
_struct_conn.pdbx_ptnr3_label_comp_id 
_struct_conn.pdbx_ptnr3_label_asym_id 
_struct_conn.pdbx_ptnr3_label_alt_id 
_struct_conn.pdbx_ptnr3_PDB_ins_code 
_struct_conn.details 
_struct_conn.pdbx_dist_value 
_struct_conn.pdbx_value_order 
_struct_conn.pdbx_role 
covale1  covale one  ? A C5P 1  "O3'" ? ? ? 1_555 A U  2  P  ? ? A C5P 1  A U  2  1_555 ? ? ? ? ? ? ?                    1.552 ? ? 
covale2  covale both ? A G   13 "O3'" ? ? ? 1_555 A TG 14 P  ? ? A G   13 A TG 14 1_555 ? ? ? ? ? ? ?                    1.615 ? ? 
covale3  covale one  ? A TG  14 "O2'" ? ? ? 1_555 A C  15 P  ? ? A TG  14 A C  15 1_555 ? ? ? ? ? ? ?                    1.665 ? ? 
hydrog1  hydrog ?    ? A U   2  N3    ? ? ? 1_555 B U  11 O2 ? ? A U   2  B U  11 1_555 ? ? ? ? ? ? TYPE_16_PAIR         ?     ? ? 
hydrog2  hydrog ?    ? A U   2  O4    ? ? ? 1_555 B U  11 N3 ? ? A U   2  B U  11 1_555 ? ? ? ? ? ? TYPE_16_PAIR         ?     ? ? 
hydrog3  hydrog ?    ? A G   3  N1    ? ? ? 1_555 B C  10 N3 ? ? A G   3  B C  10 1_555 ? ? ? ? ? ? WATSON-CRICK         ?     ? ? 
hydrog4  hydrog ?    ? A G   3  N2    ? ? ? 1_555 B C  10 O2 ? ? A G   3  B C  10 1_555 ? ? ? ? ? ? WATSON-CRICK         ?     ? ? 
hydrog5  hydrog ?    ? A G   3  O6    ? ? ? 1_555 B C  10 N4 ? ? A G   3  B C  10 1_555 ? ? ? ? ? ? WATSON-CRICK         ?     ? ? 
hydrog6  hydrog ?    ? A C   4  N3    ? ? ? 1_555 B G  9  N1 ? ? A C   4  B G  9  1_555 ? ? ? ? ? ? WATSON-CRICK         ?     ? ? 
hydrog7  hydrog ?    ? A C   4  N4    ? ? ? 1_555 B G  9  O6 ? ? A C   4  B G  9  1_555 ? ? ? ? ? ? WATSON-CRICK         ?     ? ? 
hydrog8  hydrog ?    ? A C   4  O2    ? ? ? 1_555 B G  9  N2 ? ? A C   4  B G  9  1_555 ? ? ? ? ? ? WATSON-CRICK         ?     ? ? 
hydrog9  hydrog ?    ? A U   5  O4    ? ? ? 1_555 B U  8  N3 ? ? A U   5  B U  8  1_555 ? ? ? ? ? ? 'U-U MISPAIR'        ?     ? ? 
hydrog10 hydrog ?    ? A G   6  N1    ? ? ? 1_555 B C  7  N3 ? ? A G   6  B C  7  1_555 ? ? ? ? ? ? WATSON-CRICK         ?     ? ? 
hydrog11 hydrog ?    ? A G   6  N2    ? ? ? 1_555 B C  7  O2 ? ? A G   6  B C  7  1_555 ? ? ? ? ? ? WATSON-CRICK         ?     ? ? 
hydrog12 hydrog ?    ? A G   6  O6    ? ? ? 1_555 B C  7  N4 ? ? A G   6  B C  7  1_555 ? ? ? ? ? ? WATSON-CRICK         ?     ? ? 
hydrog13 hydrog ?    ? A G   7  N1    ? ? ? 1_555 B C  6  N3 ? ? A G   7  B C  6  1_555 ? ? ? ? ? ? WATSON-CRICK         ?     ? ? 
hydrog14 hydrog ?    ? A G   7  N2    ? ? ? 1_555 B C  6  O2 ? ? A G   7  B C  6  1_555 ? ? ? ? ? ? WATSON-CRICK         ?     ? ? 
hydrog15 hydrog ?    ? A G   7  O6    ? ? ? 1_555 B C  6  N4 ? ? A G   7  B C  6  1_555 ? ? ? ? ? ? WATSON-CRICK         ?     ? ? 
hydrog16 hydrog ?    ? A C   8  N3    ? ? ? 1_555 B G  5  N1 ? ? A C   8  B G  5  1_555 ? ? ? ? ? ? WATSON-CRICK         ?     ? ? 
hydrog17 hydrog ?    ? A C   8  N4    ? ? ? 1_555 B G  5  O6 ? ? A C   8  B G  5  1_555 ? ? ? ? ? ? WATSON-CRICK         ?     ? ? 
hydrog18 hydrog ?    ? A C   8  O2    ? ? ? 1_555 B G  5  N2 ? ? A C   8  B G  5  1_555 ? ? ? ? ? ? WATSON-CRICK         ?     ? ? 
hydrog19 hydrog ?    ? A U   9  N3    ? ? ? 1_555 B A  3  N7 ? ? A U   9  B A  3  1_555 ? ? ? ? ? ? 'REVERSED HOOGSTEEN' ?     ? ? 
hydrog20 hydrog ?    ? A U   9  O2    ? ? ? 1_555 B A  3  N6 ? ? A U   9  B A  3  1_555 ? ? ? ? ? ? 'REVERSED HOOGSTEEN' ?     ? ? 
hydrog21 hydrog ?    ? A A   11 N1    ? ? ? 1_555 B U  4  N3 ? ? A A   11 B U  4  1_555 ? ? ? ? ? ? WATSON-CRICK         ?     ? ? 
hydrog22 hydrog ?    ? A A   11 N6    ? ? ? 1_555 B U  4  O4 ? ? A A   11 B U  4  1_555 ? ? ? ? ? ? WATSON-CRICK         ?     ? ? 
hydrog23 hydrog ?    ? A G   12 N1    ? ? ? 1_555 B U  2  O2 ? ? A G   12 B U  2  1_555 ? ? ? ? ? ? TYPE_28_PAIR         ?     ? ? 
hydrog24 hydrog ?    ? A G   12 O6    ? ? ? 1_555 B U  2  N3 ? ? A G   12 B U  2  1_555 ? ? ? ? ? ? TYPE_28_PAIR         ?     ? ? 
hydrog25 hydrog ?    ? A G   12 N2    ? ? ? 1_555 B U  4  O4 ? ? A G   12 B U  4  1_555 ? ? ? ? ? ? 'G-U MISPAIR'        ?     ? ? 
hydrog26 hydrog ?    ? A G   13 N1    ? ? ? 1_555 B C  1  N3 ? ? A G   13 B C  1  1_555 ? ? ? ? ? ? WATSON-CRICK         ?     ? ? 
hydrog27 hydrog ?    ? A G   13 N2    ? ? ? 1_555 B C  1  O2 ? ? A G   13 B C  1  1_555 ? ? ? ? ? ? WATSON-CRICK         ?     ? ? 
hydrog28 hydrog ?    ? A G   13 O6    ? ? ? 1_555 B C  1  N4 ? ? A G   13 B C  1  1_555 ? ? ? ? ? ? WATSON-CRICK         ?     ? ? 
hydrog29 hydrog ?    ? A C   15 N3    ? ? ? 1_555 A G  22 N1 ? ? A C   15 A G  22 1_555 ? ? ? ? ? ? WATSON-CRICK         ?     ? ? 
hydrog30 hydrog ?    ? A C   15 N4    ? ? ? 1_555 A G  22 O6 ? ? A C   15 A G  22 1_555 ? ? ? ? ? ? WATSON-CRICK         ?     ? ? 
hydrog31 hydrog ?    ? A C   15 O2    ? ? ? 1_555 A G  22 N2 ? ? A C   15 A G  22 1_555 ? ? ? ? ? ? WATSON-CRICK         ?     ? ? 
hydrog32 hydrog ?    ? A C   16 N3    ? ? ? 1_555 A G  21 N1 ? ? A C   16 A G  21 1_555 ? ? ? ? ? ? WATSON-CRICK         ?     ? ? 
hydrog33 hydrog ?    ? A C   16 N4    ? ? ? 1_555 A G  21 O6 ? ? A C   16 A G  21 1_555 ? ? ? ? ? ? WATSON-CRICK         ?     ? ? 
hydrog34 hydrog ?    ? A C   16 O2    ? ? ? 1_555 A G  21 N2 ? ? A C   16 A G  21 1_555 ? ? ? ? ? ? WATSON-CRICK         ?     ? ? 
hydrog35 hydrog ?    ? A G   17 N2    ? ? ? 1_555 A A  20 N7 ? ? A G   17 A A  20 1_555 ? ? ? ? ? ? 'G-A MISPAIR'        ?     ? ? 
# 
loop_
_struct_conn_type.id 
_struct_conn_type.criteria 
_struct_conn_type.reference 
covale ? ? 
hydrog ? ? 
# 
_struct_site.id                   AC1 
_struct_site.pdbx_evidence_code   Software 
_struct_site.pdbx_auth_asym_id    A 
_struct_site.pdbx_auth_comp_id    C5P 
_struct_site.pdbx_auth_seq_id     101 
_struct_site.pdbx_auth_ins_code   ? 
_struct_site.pdbx_num_residues    4 
_struct_site.details              'binding site for residue C5P A 101' 
# 
loop_
_struct_site_gen.id 
_struct_site_gen.site_id 
_struct_site_gen.pdbx_num_res 
_struct_site_gen.label_comp_id 
_struct_site_gen.label_asym_id 
_struct_site_gen.label_seq_id 
_struct_site_gen.pdbx_auth_ins_code 
_struct_site_gen.auth_comp_id 
_struct_site_gen.auth_asym_id 
_struct_site_gen.auth_seq_id 
_struct_site_gen.label_atom_id 
_struct_site_gen.label_alt_id 
_struct_site_gen.symmetry 
_struct_site_gen.details 
1 AC1 4 TG A 14 ? TG A 14 . ? 1_555 ? 
2 AC1 4 C  A 15 ? C  A 15 . ? 1_555 ? 
3 AC1 4 G  A 22 ? G  A 22 . ? 1_555 ? 
4 AC1 4 C  B 1  ? C  B 1  . ? 1_555 ? 
# 
_pdbx_entry_details.entry_id                 6U7Y 
_pdbx_entry_details.has_ligand_of_interest   Y 
_pdbx_entry_details.compound_details         ? 
_pdbx_entry_details.source_details           ? 
_pdbx_entry_details.nonpolymer_details       ? 
_pdbx_entry_details.sequence_details         ? 
# 
loop_
_chem_comp_atom.comp_id 
_chem_comp_atom.atom_id 
_chem_comp_atom.type_symbol 
_chem_comp_atom.pdbx_aromatic_flag 
_chem_comp_atom.pdbx_stereo_config 
_chem_comp_atom.pdbx_ordinal 
A   OP3    O N N 1   
A   P      P N N 2   
A   OP1    O N N 3   
A   OP2    O N N 4   
A   "O5'"  O N N 5   
A   "C5'"  C N N 6   
A   "C4'"  C N R 7   
A   "O4'"  O N N 8   
A   "C3'"  C N S 9   
A   "O3'"  O N N 10  
A   "C2'"  C N R 11  
A   "O2'"  O N N 12  
A   "C1'"  C N R 13  
A   N9     N Y N 14  
A   C8     C Y N 15  
A   N7     N Y N 16  
A   C5     C Y N 17  
A   C6     C Y N 18  
A   N6     N N N 19  
A   N1     N Y N 20  
A   C2     C Y N 21  
A   N3     N Y N 22  
A   C4     C Y N 23  
A   HOP3   H N N 24  
A   HOP2   H N N 25  
A   "H5'"  H N N 26  
A   "H5''" H N N 27  
A   "H4'"  H N N 28  
A   "H3'"  H N N 29  
A   "HO3'" H N N 30  
A   "H2'"  H N N 31  
A   "HO2'" H N N 32  
A   "H1'"  H N N 33  
A   H8     H N N 34  
A   H61    H N N 35  
A   H62    H N N 36  
A   H2     H N N 37  
C   OP3    O N N 38  
C   P      P N N 39  
C   OP1    O N N 40  
C   OP2    O N N 41  
C   "O5'"  O N N 42  
C   "C5'"  C N N 43  
C   "C4'"  C N R 44  
C   "O4'"  O N N 45  
C   "C3'"  C N S 46  
C   "O3'"  O N N 47  
C   "C2'"  C N R 48  
C   "O2'"  O N N 49  
C   "C1'"  C N R 50  
C   N1     N N N 51  
C   C2     C N N 52  
C   O2     O N N 53  
C   N3     N N N 54  
C   C4     C N N 55  
C   N4     N N N 56  
C   C5     C N N 57  
C   C6     C N N 58  
C   HOP3   H N N 59  
C   HOP2   H N N 60  
C   "H5'"  H N N 61  
C   "H5''" H N N 62  
C   "H4'"  H N N 63  
C   "H3'"  H N N 64  
C   "HO3'" H N N 65  
C   "H2'"  H N N 66  
C   "HO2'" H N N 67  
C   "H1'"  H N N 68  
C   H41    H N N 69  
C   H42    H N N 70  
C   H5     H N N 71  
C   H6     H N N 72  
C5P O3P    O N N 73  
C5P P      P N N 74  
C5P O1P    O N N 75  
C5P O2P    O N N 76  
C5P "O5'"  O N N 77  
C5P "C5'"  C N N 78  
C5P "C4'"  C N R 79  
C5P "O4'"  O N N 80  
C5P "C3'"  C N S 81  
C5P "O3'"  O N N 82  
C5P "C2'"  C N R 83  
C5P "O2'"  O N N 84  
C5P "C1'"  C N R 85  
C5P N1     N N N 86  
C5P C2     C N N 87  
C5P N3     N N N 88  
C5P C4     C N N 89  
C5P C5     C N N 90  
C5P C6     C N N 91  
C5P O2     O N N 92  
C5P N4     N N N 93  
C5P HOP3   H N N 94  
C5P HOP2   H N N 95  
C5P "H5'1" H N N 96  
C5P "H5'2" H N N 97  
C5P "H4'"  H N N 98  
C5P "H3'"  H N N 99  
C5P "HO3'" H N N 100 
C5P "H2'1" H N N 101 
C5P "HO2'" H N N 102 
C5P "H1'"  H N N 103 
C5P H5     H N N 104 
C5P H6     H N N 105 
C5P HN41   H N N 106 
C5P HN42   H N N 107 
G   OP3    O N N 108 
G   P      P N N 109 
G   OP1    O N N 110 
G   OP2    O N N 111 
G   "O5'"  O N N 112 
G   "C5'"  C N N 113 
G   "C4'"  C N R 114 
G   "O4'"  O N N 115 
G   "C3'"  C N S 116 
G   "O3'"  O N N 117 
G   "C2'"  C N R 118 
G   "O2'"  O N N 119 
G   "C1'"  C N R 120 
G   N9     N Y N 121 
G   C8     C Y N 122 
G   N7     N Y N 123 
G   C5     C Y N 124 
G   C6     C N N 125 
G   O6     O N N 126 
G   N1     N N N 127 
G   C2     C N N 128 
G   N2     N N N 129 
G   N3     N N N 130 
G   C4     C Y N 131 
G   HOP3   H N N 132 
G   HOP2   H N N 133 
G   "H5'"  H N N 134 
G   "H5''" H N N 135 
G   "H4'"  H N N 136 
G   "H3'"  H N N 137 
G   "HO3'" H N N 138 
G   "H2'"  H N N 139 
G   "HO2'" H N N 140 
G   "H1'"  H N N 141 
G   H8     H N N 142 
G   H1     H N N 143 
G   H21    H N N 144 
G   H22    H N N 145 
HOH O      O N N 146 
HOH H1     H N N 147 
HOH H2     H N N 148 
TG  "C1'"  C N R 149 
TG  C2     C N N 150 
TG  "C2'"  C N R 151 
TG  "C3'"  C N S 152 
TG  C4     C Y N 153 
TG  "C4'"  C N N 154 
TG  C5     C Y N 155 
TG  C6     C N N 156 
TG  C8     C Y N 157 
TG  N1     N N N 158 
TG  N2     N N N 159 
TG  N3     N N N 160 
TG  N7     N Y N 161 
TG  N9     N Y N 162 
TG  O1P    O N N 163 
TG  "O2'"  O N N 164 
TG  O2P    O N N 165 
TG  "O3'"  O N N 166 
TG  "O4'"  O N N 167 
TG  O6     O N N 168 
TG  P      P N N 169 
TG  H1     H N N 170 
TG  H2     H N N 171 
TG  H3     H N N 172 
TG  H4     H N N 173 
TG  H5     H N N 174 
TG  H6     H N N 175 
TG  H7     H N N 176 
TG  H8     H N N 177 
TG  H9     H N N 178 
TG  H11    H N N 179 
TG  O3P    O N N 180 
TG  H10    H N N 181 
U   OP3    O N N 182 
U   P      P N N 183 
U   OP1    O N N 184 
U   OP2    O N N 185 
U   "O5'"  O N N 186 
U   "C5'"  C N N 187 
U   "C4'"  C N R 188 
U   "O4'"  O N N 189 
U   "C3'"  C N S 190 
U   "O3'"  O N N 191 
U   "C2'"  C N R 192 
U   "O2'"  O N N 193 
U   "C1'"  C N R 194 
U   N1     N N N 195 
U   C2     C N N 196 
U   O2     O N N 197 
U   N3     N N N 198 
U   C4     C N N 199 
U   O4     O N N 200 
U   C5     C N N 201 
U   C6     C N N 202 
U   HOP3   H N N 203 
U   HOP2   H N N 204 
U   "H5'"  H N N 205 
U   "H5''" H N N 206 
U   "H4'"  H N N 207 
U   "H3'"  H N N 208 
U   "HO3'" H N N 209 
U   "H2'"  H N N 210 
U   "HO2'" H N N 211 
U   "H1'"  H N N 212 
U   H3     H N N 213 
U   H5     H N N 214 
U   H6     H N N 215 
# 
loop_
_chem_comp_bond.comp_id 
_chem_comp_bond.atom_id_1 
_chem_comp_bond.atom_id_2 
_chem_comp_bond.value_order 
_chem_comp_bond.pdbx_aromatic_flag 
_chem_comp_bond.pdbx_stereo_config 
_chem_comp_bond.pdbx_ordinal 
A   OP3   P      sing N N 1   
A   OP3   HOP3   sing N N 2   
A   P     OP1    doub N N 3   
A   P     OP2    sing N N 4   
A   P     "O5'"  sing N N 5   
A   OP2   HOP2   sing N N 6   
A   "O5'" "C5'"  sing N N 7   
A   "C5'" "C4'"  sing N N 8   
A   "C5'" "H5'"  sing N N 9   
A   "C5'" "H5''" sing N N 10  
A   "C4'" "O4'"  sing N N 11  
A   "C4'" "C3'"  sing N N 12  
A   "C4'" "H4'"  sing N N 13  
A   "O4'" "C1'"  sing N N 14  
A   "C3'" "O3'"  sing N N 15  
A   "C3'" "C2'"  sing N N 16  
A   "C3'" "H3'"  sing N N 17  
A   "O3'" "HO3'" sing N N 18  
A   "C2'" "O2'"  sing N N 19  
A   "C2'" "C1'"  sing N N 20  
A   "C2'" "H2'"  sing N N 21  
A   "O2'" "HO2'" sing N N 22  
A   "C1'" N9     sing N N 23  
A   "C1'" "H1'"  sing N N 24  
A   N9    C8     sing Y N 25  
A   N9    C4     sing Y N 26  
A   C8    N7     doub Y N 27  
A   C8    H8     sing N N 28  
A   N7    C5     sing Y N 29  
A   C5    C6     sing Y N 30  
A   C5    C4     doub Y N 31  
A   C6    N6     sing N N 32  
A   C6    N1     doub Y N 33  
A   N6    H61    sing N N 34  
A   N6    H62    sing N N 35  
A   N1    C2     sing Y N 36  
A   C2    N3     doub Y N 37  
A   C2    H2     sing N N 38  
A   N3    C4     sing Y N 39  
C   OP3   P      sing N N 40  
C   OP3   HOP3   sing N N 41  
C   P     OP1    doub N N 42  
C   P     OP2    sing N N 43  
C   P     "O5'"  sing N N 44  
C   OP2   HOP2   sing N N 45  
C   "O5'" "C5'"  sing N N 46  
C   "C5'" "C4'"  sing N N 47  
C   "C5'" "H5'"  sing N N 48  
C   "C5'" "H5''" sing N N 49  
C   "C4'" "O4'"  sing N N 50  
C   "C4'" "C3'"  sing N N 51  
C   "C4'" "H4'"  sing N N 52  
C   "O4'" "C1'"  sing N N 53  
C   "C3'" "O3'"  sing N N 54  
C   "C3'" "C2'"  sing N N 55  
C   "C3'" "H3'"  sing N N 56  
C   "O3'" "HO3'" sing N N 57  
C   "C2'" "O2'"  sing N N 58  
C   "C2'" "C1'"  sing N N 59  
C   "C2'" "H2'"  sing N N 60  
C   "O2'" "HO2'" sing N N 61  
C   "C1'" N1     sing N N 62  
C   "C1'" "H1'"  sing N N 63  
C   N1    C2     sing N N 64  
C   N1    C6     sing N N 65  
C   C2    O2     doub N N 66  
C   C2    N3     sing N N 67  
C   N3    C4     doub N N 68  
C   C4    N4     sing N N 69  
C   C4    C5     sing N N 70  
C   N4    H41    sing N N 71  
C   N4    H42    sing N N 72  
C   C5    C6     doub N N 73  
C   C5    H5     sing N N 74  
C   C6    H6     sing N N 75  
C5P O3P   P      sing N N 76  
C5P O3P   HOP3   sing N N 77  
C5P P     O1P    doub N N 78  
C5P P     O2P    sing N N 79  
C5P P     "O5'"  sing N N 80  
C5P O2P   HOP2   sing N N 81  
C5P "O5'" "C5'"  sing N N 82  
C5P "C5'" "C4'"  sing N N 83  
C5P "C5'" "H5'1" sing N N 84  
C5P "C5'" "H5'2" sing N N 85  
C5P "C4'" "O4'"  sing N N 86  
C5P "C4'" "C3'"  sing N N 87  
C5P "C4'" "H4'"  sing N N 88  
C5P "O4'" "C1'"  sing N N 89  
C5P "C3'" "O3'"  sing N N 90  
C5P "C3'" "C2'"  sing N N 91  
C5P "C3'" "H3'"  sing N N 92  
C5P "O3'" "HO3'" sing N N 93  
C5P "C2'" "O2'"  sing N N 94  
C5P "C2'" "C1'"  sing N N 95  
C5P "C2'" "H2'1" sing N N 96  
C5P "O2'" "HO2'" sing N N 97  
C5P "C1'" N1     sing N N 98  
C5P "C1'" "H1'"  sing N N 99  
C5P N1    C2     sing N N 100 
C5P N1    C6     sing N N 101 
C5P C2    N3     sing N N 102 
C5P C2    O2     doub N N 103 
C5P N3    C4     doub N N 104 
C5P C4    C5     sing N N 105 
C5P C4    N4     sing N N 106 
C5P C5    C6     doub N N 107 
C5P C5    H5     sing N N 108 
C5P C6    H6     sing N N 109 
C5P N4    HN41   sing N N 110 
C5P N4    HN42   sing N N 111 
G   OP3   P      sing N N 112 
G   OP3   HOP3   sing N N 113 
G   P     OP1    doub N N 114 
G   P     OP2    sing N N 115 
G   P     "O5'"  sing N N 116 
G   OP2   HOP2   sing N N 117 
G   "O5'" "C5'"  sing N N 118 
G   "C5'" "C4'"  sing N N 119 
G   "C5'" "H5'"  sing N N 120 
G   "C5'" "H5''" sing N N 121 
G   "C4'" "O4'"  sing N N 122 
G   "C4'" "C3'"  sing N N 123 
G   "C4'" "H4'"  sing N N 124 
G   "O4'" "C1'"  sing N N 125 
G   "C3'" "O3'"  sing N N 126 
G   "C3'" "C2'"  sing N N 127 
G   "C3'" "H3'"  sing N N 128 
G   "O3'" "HO3'" sing N N 129 
G   "C2'" "O2'"  sing N N 130 
G   "C2'" "C1'"  sing N N 131 
G   "C2'" "H2'"  sing N N 132 
G   "O2'" "HO2'" sing N N 133 
G   "C1'" N9     sing N N 134 
G   "C1'" "H1'"  sing N N 135 
G   N9    C8     sing Y N 136 
G   N9    C4     sing Y N 137 
G   C8    N7     doub Y N 138 
G   C8    H8     sing N N 139 
G   N7    C5     sing Y N 140 
G   C5    C6     sing N N 141 
G   C5    C4     doub Y N 142 
G   C6    O6     doub N N 143 
G   C6    N1     sing N N 144 
G   N1    C2     sing N N 145 
G   N1    H1     sing N N 146 
G   C2    N2     sing N N 147 
G   C2    N3     doub N N 148 
G   N2    H21    sing N N 149 
G   N2    H22    sing N N 150 
G   N3    C4     sing N N 151 
HOH O     H1     sing N N 152 
HOH O     H2     sing N N 153 
TG  N2    C2     sing N N 154 
TG  N1    C2     sing N N 155 
TG  N1    C6     sing N N 156 
TG  O6    C6     doub N N 157 
TG  C2    N3     doub N N 158 
TG  C6    C5     sing N N 159 
TG  N3    C4     sing N N 160 
TG  C5    C4     doub Y N 161 
TG  C5    N7     sing Y N 162 
TG  C4    N9     sing Y N 163 
TG  N7    C8     doub Y N 164 
TG  N9    C8     sing Y N 165 
TG  N9    "C1'"  sing N N 166 
TG  "C1'" "O4'"  sing N N 167 
TG  "C1'" "C2'"  sing N N 168 
TG  "O4'" "C4'"  sing N N 169 
TG  "C2'" "O2'"  sing N N 170 
TG  "C2'" "C3'"  sing N N 171 
TG  "C4'" "C3'"  sing N N 172 
TG  "C3'" "O3'"  sing N N 173 
TG  "O3'" P      sing N N 174 
TG  P     O1P    doub N N 175 
TG  P     O2P    doub N N 176 
TG  "C1'" H1     sing N N 177 
TG  "C2'" H2     sing N N 178 
TG  "C3'" H3     sing N N 179 
TG  "C4'" H4     sing N N 180 
TG  "C4'" H5     sing N N 181 
TG  C8    H6     sing N N 182 
TG  N1    H7     sing N N 183 
TG  N2    H8     sing N N 184 
TG  N2    H9     sing N N 185 
TG  "O2'" H11    sing N N 186 
TG  P     O3P    sing N N 187 
TG  O3P   H10    sing N N 188 
U   OP3   P      sing N N 189 
U   OP3   HOP3   sing N N 190 
U   P     OP1    doub N N 191 
U   P     OP2    sing N N 192 
U   P     "O5'"  sing N N 193 
U   OP2   HOP2   sing N N 194 
U   "O5'" "C5'"  sing N N 195 
U   "C5'" "C4'"  sing N N 196 
U   "C5'" "H5'"  sing N N 197 
U   "C5'" "H5''" sing N N 198 
U   "C4'" "O4'"  sing N N 199 
U   "C4'" "C3'"  sing N N 200 
U   "C4'" "H4'"  sing N N 201 
U   "O4'" "C1'"  sing N N 202 
U   "C3'" "O3'"  sing N N 203 
U   "C3'" "C2'"  sing N N 204 
U   "C3'" "H3'"  sing N N 205 
U   "O3'" "HO3'" sing N N 206 
U   "C2'" "O2'"  sing N N 207 
U   "C2'" "C1'"  sing N N 208 
U   "C2'" "H2'"  sing N N 209 
U   "O2'" "HO2'" sing N N 210 
U   "C1'" N1     sing N N 211 
U   "C1'" "H1'"  sing N N 212 
U   N1    C2     sing N N 213 
U   N1    C6     sing N N 214 
U   C2    O2     doub N N 215 
U   C2    N3     sing N N 216 
U   N3    C4     sing N N 217 
U   N3    H3     sing N N 218 
U   C4    O4     doub N N 219 
U   C4    C5     sing N N 220 
U   C5    C6     doub N N 221 
U   C5    H5     sing N N 222 
U   C6    H6     sing N N 223 
# 
loop_
_ndb_struct_conf_na.entry_id 
_ndb_struct_conf_na.feature 
6U7Y 'double helix'        
6U7Y 'a-form double helix' 
6U7Y tetraloop             
# 
loop_
_ndb_struct_na_base_pair.model_number 
_ndb_struct_na_base_pair.i_label_asym_id 
_ndb_struct_na_base_pair.i_label_comp_id 
_ndb_struct_na_base_pair.i_label_seq_id 
_ndb_struct_na_base_pair.i_symmetry 
_ndb_struct_na_base_pair.j_label_asym_id 
_ndb_struct_na_base_pair.j_label_comp_id 
_ndb_struct_na_base_pair.j_label_seq_id 
_ndb_struct_na_base_pair.j_symmetry 
_ndb_struct_na_base_pair.shear 
_ndb_struct_na_base_pair.stretch 
_ndb_struct_na_base_pair.stagger 
_ndb_struct_na_base_pair.buckle 
_ndb_struct_na_base_pair.propeller 
_ndb_struct_na_base_pair.opening 
_ndb_struct_na_base_pair.pair_number 
_ndb_struct_na_base_pair.pair_name 
_ndb_struct_na_base_pair.i_auth_asym_id 
_ndb_struct_na_base_pair.i_auth_seq_id 
_ndb_struct_na_base_pair.i_PDB_ins_code 
_ndb_struct_na_base_pair.j_auth_asym_id 
_ndb_struct_na_base_pair.j_auth_seq_id 
_ndb_struct_na_base_pair.j_PDB_ins_code 
_ndb_struct_na_base_pair.hbond_type_28 
_ndb_struct_na_base_pair.hbond_type_12 
1 A U 2  1_555 B U 11 1_555 -1.856 -1.658 0.686  -6.010  -10.242 11.351  1  A_U2:U11_B  A 2  ? B 11 ? 16 1 
1 A G 3  1_555 B C 10 1_555 0.012  -0.047 0.606  4.293   -21.898 7.469   2  A_G3:C10_B  A 3  ? B 10 ? 19 1 
1 A C 4  1_555 B G 9  1_555 -0.051 -0.236 0.749  -1.494  -26.070 -3.358  3  A_C4:G9_B   A 4  ? B 9  ? 19 1 
1 A U 5  1_555 B U 8  1_555 -2.874 -1.398 -0.412 16.137  -17.222 -23.194 4  A_U5:U8_B   A 5  ? B 8  ? ?  ? 
1 A G 6  1_555 B C 7  1_555 -0.218 -0.122 0.206  0.806   -0.143  2.420   5  A_G6:C7_B   A 6  ? B 7  ? 19 1 
1 A G 7  1_555 B C 6  1_555 0.027  -0.040 -0.597 -11.952 -11.591 1.512   6  A_G7:C6_B   A 7  ? B 6  ? 19 1 
1 A C 8  1_555 B G 5  1_555 0.214  -0.360 0.188  -1.162  -4.214  -5.727  7  A_C8:G5_B   A 8  ? B 5  ? 19 1 
1 B A 3  1_555 A U 9  1_555 -4.249 -2.480 -1.241 10.493  -4.191  -84.484 8  B_A3:U9_A   B 3  ? A 9  ? 24 4 
1 A A 11 1_555 B U 4  1_555 0.128  -0.115 -0.328 -18.107 18.319  -6.135  9  A_A11:U4_B  A 11 ? B 4  ? 20 1 
1 A G 12 1_555 B U 2  1_555 -2.300 -0.625 -0.090 -3.156  -16.830 -1.006  10 A_G12:U2_B  A 12 ? B 2  ? 28 1 
1 A G 13 1_555 B C 1  1_555 0.175  -0.051 0.119  -3.572  -9.298  -3.806  11 A_G13:C1_B  A 13 ? B 1  ? 19 1 
1 A C 15 1_555 A G 22 1_555 0.253  -0.130 -0.199 3.266   -18.539 1.374   12 A_C15:G22_A A 15 ? A 22 ? 19 1 
1 A C 16 1_555 A G 21 1_555 0.472  -0.352 0.154  0.697   1.735   1.127   13 A_C16:G21_A A 16 ? A 21 ? 19 1 
1 A G 17 1_555 A A 20 1_555 7.210  -5.157 1.116  16.535  -2.153  -11.456 14 A_G17:A20_A A 17 ? A 20 ? ?  ? 
# 
loop_
_ndb_struct_na_base_pair_step.model_number 
_ndb_struct_na_base_pair_step.i_label_asym_id_1 
_ndb_struct_na_base_pair_step.i_label_comp_id_1 
_ndb_struct_na_base_pair_step.i_label_seq_id_1 
_ndb_struct_na_base_pair_step.i_symmetry_1 
_ndb_struct_na_base_pair_step.j_label_asym_id_1 
_ndb_struct_na_base_pair_step.j_label_comp_id_1 
_ndb_struct_na_base_pair_step.j_label_seq_id_1 
_ndb_struct_na_base_pair_step.j_symmetry_1 
_ndb_struct_na_base_pair_step.i_label_asym_id_2 
_ndb_struct_na_base_pair_step.i_label_comp_id_2 
_ndb_struct_na_base_pair_step.i_label_seq_id_2 
_ndb_struct_na_base_pair_step.i_symmetry_2 
_ndb_struct_na_base_pair_step.j_label_asym_id_2 
_ndb_struct_na_base_pair_step.j_label_comp_id_2 
_ndb_struct_na_base_pair_step.j_label_seq_id_2 
_ndb_struct_na_base_pair_step.j_symmetry_2 
_ndb_struct_na_base_pair_step.shift 
_ndb_struct_na_base_pair_step.slide 
_ndb_struct_na_base_pair_step.rise 
_ndb_struct_na_base_pair_step.tilt 
_ndb_struct_na_base_pair_step.roll 
_ndb_struct_na_base_pair_step.twist 
_ndb_struct_na_base_pair_step.x_displacement 
_ndb_struct_na_base_pair_step.y_displacement 
_ndb_struct_na_base_pair_step.helical_rise 
_ndb_struct_na_base_pair_step.inclination 
_ndb_struct_na_base_pair_step.tip 
_ndb_struct_na_base_pair_step.helical_twist 
_ndb_struct_na_base_pair_step.step_number 
_ndb_struct_na_base_pair_step.step_name 
_ndb_struct_na_base_pair_step.i_auth_asym_id_1 
_ndb_struct_na_base_pair_step.i_auth_seq_id_1 
_ndb_struct_na_base_pair_step.i_PDB_ins_code_1 
_ndb_struct_na_base_pair_step.j_auth_asym_id_1 
_ndb_struct_na_base_pair_step.j_auth_seq_id_1 
_ndb_struct_na_base_pair_step.j_PDB_ins_code_1 
_ndb_struct_na_base_pair_step.i_auth_asym_id_2 
_ndb_struct_na_base_pair_step.i_auth_seq_id_2 
_ndb_struct_na_base_pair_step.i_PDB_ins_code_2 
_ndb_struct_na_base_pair_step.j_auth_asym_id_2 
_ndb_struct_na_base_pair_step.j_auth_seq_id_2 
_ndb_struct_na_base_pair_step.j_PDB_ins_code_2 
1 A U 2  1_555 B U 11 1_555 A G 3  1_555 B C 10 1_555 -0.233 -0.586 3.059  2.383    5.142   45.860 -1.152 0.484  2.965 6.568   
-3.044  46.190  1  AA_U2G3:C10U11_BB   A 2  ? B 11 ? A 3  ? B 10 ? 
1 A G 3  1_555 B C 10 1_555 A C 4  1_555 B G 9  1_555 -0.480 -1.689 3.312  0.184    2.769   29.035 -3.950 0.993  3.138 5.507   
-0.367  29.164  2  AA_G3C4:G9C10_BB    A 3  ? B 10 ? A 4  ? B 9  ? 
1 A C 4  1_555 B G 9  1_555 A U 5  1_555 B U 8  1_555 -0.482 -2.098 2.481  4.150    15.148  19.217 -7.321 1.790  0.580 38.162  
-10.455 24.773  3  AA_C4U5:U8G9_BB     A 4  ? B 9  ? A 5  ? B 8  ? 
1 A U 5  1_555 B U 8  1_555 A G 6  1_555 B C 7  1_555 1.607  -1.676 3.695  -4.999   2.643   42.609 -2.572 -2.733 3.389 3.617   
6.843   42.965  4  AA_U5G6:C7U8_BB     A 5  ? B 8  ? A 6  ? B 7  ? 
1 A G 6  1_555 B C 7  1_555 A G 7  1_555 B C 6  1_555 0.587  -1.592 3.577  5.154    13.329  35.623 -4.141 -0.232 2.876 20.785  
-8.037  38.296  5  AA_G6G7:C6C7_BB     A 6  ? B 7  ? A 7  ? B 6  ? 
1 A G 7  1_555 B C 6  1_555 A C 8  1_555 B G 5  1_555 -1.339 -2.571 3.035  -8.532   -3.382  30.206 -4.084 0.833  3.533 -6.310  
15.917  31.538  6  AA_G7C8:G5C6_BB     A 7  ? B 6  ? A 8  ? B 5  ? 
1 A C 8  1_555 B G 5  1_555 B A 3  1_555 A U 9  1_555 -0.087 -4.233 -1.668 -132.683 -99.477 13.808 -1.940 -0.213 2.388 -53.475 
71.324  165.936 7  AB_C8A3:U9G5_AB     A 8  ? B 5  ? B 3  ? A 9  ? 
1 B A 3  1_555 A U 9  1_555 A A 11 1_555 B U 4  1_555 -2.427 3.971  2.219  -153.882 -17.298 64.860 2.176  -0.158 2.860 -9.292  
82.658  158.823 8  BA_A3A11:U4U9_BA    B 3  ? A 9  ? A 11 ? B 4  ? 
1 A A 11 1_555 B U 4  1_555 A G 12 1_555 B U 2  1_555 4.618  -0.413 2.910  -6.727   28.931  61.246 -1.282 -4.371 2.095 26.785  
6.228   67.434  9  AA_A11G12:U2U4_BB   A 11 ? B 4  ? A 12 ? B 2  ? 
1 A G 12 1_555 B U 2  1_555 A G 13 1_555 B C 1  1_555 0.095  -1.443 3.218  -5.026   6.461   38.468 -2.874 -0.707 2.912 9.674   
7.524   39.297  10 AA_G12G13:C1U2_BB   A 12 ? B 2  ? A 13 ? B 1  ? 
1 A G 13 1_555 B C 1  1_555 A C 15 1_555 A G 22 1_555 0.150  -2.872 6.191  3.220    5.393   62.112 -3.229 0.128  5.949 5.213   
-3.113  62.397  11 AA_G13C15:G22C1_AB  A 13 ? B 1  ? A 15 ? A 22 ? 
1 A C 15 1_555 A G 22 1_555 A C 16 1_555 A G 21 1_555 -0.111 -1.970 3.325  -2.062   12.882  29.519 -5.613 -0.131 2.290 23.867  
3.821   32.214  12 AA_C15C16:G21G22_AA A 15 ? A 22 ? A 16 ? A 21 ? 
1 A C 16 1_555 A G 21 1_555 A G 17 1_555 A A 20 1_555 -1.365 -0.994 2.832  -2.147   10.462  54.224 -1.597 1.366  2.661 11.354  
2.330   55.188  13 AA_C16G17:A20G21_AA A 16 ? A 21 ? A 17 ? A 20 ? 
# 
_pdbx_audit_support.funding_organization   'Howard Hughes Medical Institute (HHMI)' 
_pdbx_audit_support.country                'United States' 
_pdbx_audit_support.grant_number           ? 
_pdbx_audit_support.ordinal                1 
# 
_pdbx_entity_instance_feature.ordinal        1 
_pdbx_entity_instance_feature.comp_id        TG 
_pdbx_entity_instance_feature.asym_id        ? 
_pdbx_entity_instance_feature.seq_num        ? 
_pdbx_entity_instance_feature.auth_comp_id   TG 
_pdbx_entity_instance_feature.auth_asym_id   ? 
_pdbx_entity_instance_feature.auth_seq_num   ? 
_pdbx_entity_instance_feature.feature_type   'SUBJECT OF INVESTIGATION' 
_pdbx_entity_instance_feature.details        ? 
# 
_pdbx_initial_refinement_model.id               1 
_pdbx_initial_refinement_model.entity_id_list   ? 
_pdbx_initial_refinement_model.type             'experimental model' 
_pdbx_initial_refinement_model.source_name      PDB 
_pdbx_initial_refinement_model.accession_code   5VCI 
_pdbx_initial_refinement_model.details          ? 
# 
_atom_sites.entry_id                    6U7Y 
_atom_sites.Cartn_transf_matrix[1][1]   ? 
_atom_sites.Cartn_transf_matrix[1][2]   ? 
_atom_sites.Cartn_transf_matrix[1][3]   ? 
_atom_sites.Cartn_transf_matrix[2][1]   ? 
_atom_sites.Cartn_transf_matrix[2][2]   ? 
_atom_sites.Cartn_transf_matrix[2][3]   ? 
_atom_sites.Cartn_transf_matrix[3][1]   ? 
_atom_sites.Cartn_transf_matrix[3][2]   ? 
_atom_sites.Cartn_transf_matrix[3][3]   ? 
_atom_sites.Cartn_transf_vector[1]      ? 
_atom_sites.Cartn_transf_vector[2]      ? 
_atom_sites.Cartn_transf_vector[3]      ? 
_atom_sites.fract_transf_matrix[1][1]   0.01621637 
_atom_sites.fract_transf_matrix[1][2]   0.00382498 
_atom_sites.fract_transf_matrix[1][3]   0.00208838 
_atom_sites.fract_transf_matrix[2][1]   0.00885722 
_atom_sites.fract_transf_matrix[2][2]   -0.00736325 
_atom_sites.fract_transf_matrix[2][3]   0.01221898 
_atom_sites.fract_transf_matrix[3][1]   0.00363598 
_atom_sites.fract_transf_matrix[3][2]   -0.01051610 
_atom_sites.fract_transf_matrix[3][3]   -0.00897272 
_atom_sites.fract_transf_vector[1]      1.135946 
_atom_sites.fract_transf_vector[2]      0.904486 
_atom_sites.fract_transf_vector[3]      0.336657 
_atom_sites.solution_primary            ? 
_atom_sites.solution_secondary          ? 
_atom_sites.solution_hydrogens          ? 
_atom_sites.special_details             ? 
# 
loop_
_atom_type.symbol 
C 
N 
O 
P 
# 
loop_
_atom_site.group_PDB 
_atom_site.id 
_atom_site.type_symbol 
_atom_site.label_atom_id 
_atom_site.label_alt_id 
_atom_site.label_comp_id 
_atom_site.label_asym_id 
_atom_site.label_entity_id 
_atom_site.label_seq_id 
_atom_site.pdbx_PDB_ins_code 
_atom_site.Cartn_x 
_atom_site.Cartn_y 
_atom_site.Cartn_z 
_atom_site.occupancy 
_atom_site.B_iso_or_equiv 
_atom_site.pdbx_formal_charge 
_atom_site.auth_seq_id 
_atom_site.auth_comp_id 
_atom_site.auth_asym_id 
_atom_site.auth_atom_id 
_atom_site.pdbx_PDB_model_num 
HETATM 1   O "O5'" . C5P A 1 1  ? 7.990   16.537  7.225   1.00 68.56  ? 1   C5P A "O5'" 1 
HETATM 2   C "C5'" . C5P A 1 1  ? 8.692   15.381  7.724   1.00 68.05  ? 1   C5P A "C5'" 1 
HETATM 3   C "C4'" . C5P A 1 1  ? 9.921   15.793  8.507   1.00 65.48  ? 1   C5P A "C4'" 1 
HETATM 4   O "O4'" . C5P A 1 1  ? 9.750   17.121  9.074   1.00 61.74  ? 1   C5P A "O4'" 1 
HETATM 5   C "C3'" . C5P A 1 1  ? 10.242  14.889  9.685   1.00 66.44  ? 1   C5P A "C3'" 1 
HETATM 6   O "O3'" . C5P A 1 1  ? 11.213  13.951  9.293   1.00 69.06  ? 1   C5P A "O3'" 1 
HETATM 7   C "C2'" . C5P A 1 1  ? 10.863  15.833  10.690  1.00 65.56  ? 1   C5P A "C2'" 1 
HETATM 8   O "O2'" . C5P A 1 1  ? 12.223  15.994  10.375  1.00 73.53  ? 1   C5P A "O2'" 1 
HETATM 9   C "C1'" . C5P A 1 1  ? 10.027  17.089  10.467  1.00 66.30  ? 1   C5P A "C1'" 1 
HETATM 10  N N1    . C5P A 1 1  ? 8.751   17.118  11.220  1.00 67.27  ? 1   C5P A N1    1 
HETATM 11  C C2    . C5P A 1 1  ? 8.786   17.095  12.621  1.00 65.96  ? 1   C5P A C2    1 
HETATM 12  N N3    . C5P A 1 1  ? 7.621   17.122  13.311  1.00 58.67  ? 1   C5P A N3    1 
HETATM 13  C C4    . C5P A 1 1  ? 6.459   17.184  12.657  1.00 56.74  ? 1   C5P A C4    1 
HETATM 14  C C5    . C5P A 1 1  ? 6.396   17.220  11.236  1.00 61.18  ? 1   C5P A C5    1 
HETATM 15  C C6    . C5P A 1 1  ? 7.552   17.190  10.564  1.00 66.90  ? 1   C5P A C6    1 
HETATM 16  O O2    . C5P A 1 1  ? 9.884   17.029  13.194  1.00 66.45  ? 1   C5P A O2    1 
HETATM 17  N N4    . C5P A 1 1  ? 5.338   17.209  13.370  1.00 59.57  ? 1   C5P A N4    1 
ATOM   18  P P     . U   A 1 2  ? 10.796  12.461  9.178   1.00 68.83  ? 2   U   A P     1 
ATOM   19  O OP1   . U   A 1 2  ? 11.850  11.792  8.383   1.00 66.16  ? 2   U   A OP1   1 
ATOM   20  O OP2   . U   A 1 2  ? 9.368   12.437  8.742   1.00 61.83  ? 2   U   A OP2   1 
ATOM   21  O "O5'" . U   A 1 2  ? 10.901  11.963  10.685  1.00 67.01  ? 2   U   A "O5'" 1 
ATOM   22  C "C5'" . U   A 1 2  ? 12.154  12.114  11.380  1.00 76.98  ? 2   U   A "C5'" 1 
ATOM   23  C "C4'" . U   A 1 2  ? 12.005  11.799  12.850  1.00 79.77  ? 2   U   A "C4'" 1 
ATOM   24  O "O4'" . U   A 1 2  ? 11.350  12.901  13.524  1.00 82.75  ? 2   U   A "O4'" 1 
ATOM   25  C "C3'" . U   A 1 2  ? 11.153  10.594  13.191  1.00 78.96  ? 2   U   A "C3'" 1 
ATOM   26  O "O3'" . U   A 1 2  ? 11.954  9.432   13.074  1.00 78.74  ? 2   U   A "O3'" 1 
ATOM   27  C "C2'" . U   A 1 2  ? 10.732  10.889  14.623  1.00 76.91  ? 2   U   A "C2'" 1 
ATOM   28  O "O2'" . U   A 1 2  ? 11.684  10.540  15.606  1.00 80.56  ? 2   U   A "O2'" 1 
ATOM   29  C "C1'" . U   A 1 2  ? 10.553  12.404  14.580  1.00 73.06  ? 2   U   A "C1'" 1 
ATOM   30  N N1    . U   A 1 2  ? 9.170   12.861  14.388  1.00 68.39  ? 2   U   A N1    1 
ATOM   31  C C2    . U   A 1 2  ? 8.306   12.686  15.449  1.00 71.20  ? 2   U   A C2    1 
ATOM   32  O O2    . U   A 1 2  ? 8.633   12.129  16.482  1.00 75.21  ? 2   U   A O2    1 
ATOM   33  N N3    . U   A 1 2  ? 7.038   13.177  15.249  1.00 70.75  ? 2   U   A N3    1 
ATOM   34  C C4    . U   A 1 2  ? 6.556   13.817  14.128  1.00 70.40  ? 2   U   A C4    1 
ATOM   35  O O4    . U   A 1 2  ? 5.387   14.197  14.101  1.00 68.59  ? 2   U   A O4    1 
ATOM   36  C C5    . U   A 1 2  ? 7.512   13.966  13.074  1.00 70.95  ? 2   U   A C5    1 
ATOM   37  C C6    . U   A 1 2  ? 8.758   13.501  13.237  1.00 70.59  ? 2   U   A C6    1 
ATOM   38  P P     . G   A 1 3  ? 11.380  8.155   12.325  1.00 76.95  ? 3   G   A P     1 
ATOM   39  O OP1   . G   A 1 3  ? 12.542  7.372   11.865  1.00 80.12  ? 3   G   A OP1   1 
ATOM   40  O OP2   . G   A 1 3  ? 10.330  8.594   11.348  1.00 64.32  ? 3   G   A OP2   1 
ATOM   41  O "O5'" . G   A 1 3  ? 10.668  7.334   13.490  1.00 76.37  ? 3   G   A "O5'" 1 
ATOM   42  C "C5'" . G   A 1 3  ? 11.254  7.139   14.797  1.00 75.83  ? 3   G   A "C5'" 1 
ATOM   43  C "C4'" . G   A 1 3  ? 10.152  6.987   15.821  1.00 77.24  ? 3   G   A "C4'" 1 
ATOM   44  O "O4'" . G   A 1 3  ? 9.543   8.283   16.087  1.00 80.56  ? 3   G   A "O4'" 1 
ATOM   45  C "C3'" . G   A 1 3  ? 8.962   6.156   15.381  1.00 79.78  ? 3   G   A "C3'" 1 
ATOM   46  O "O3'" . G   A 1 3  ? 9.124   4.754   15.395  1.00 84.02  ? 3   G   A "O3'" 1 
ATOM   47  C "C2'" . G   A 1 3  ? 7.881   6.620   16.347  1.00 77.26  ? 3   G   A "C2'" 1 
ATOM   48  O "O2'" . G   A 1 3  ? 7.917   6.054   17.640  1.00 72.36  ? 3   G   A "O2'" 1 
ATOM   49  C "C1'" . G   A 1 3  ? 8.157   8.118   16.369  1.00 76.28  ? 3   G   A "C1'" 1 
ATOM   50  N N9    . G   A 1 3  ? 7.381   8.843   15.366  1.00 72.60  ? 3   G   A N9    1 
ATOM   51  C C8    . G   A 1 3  ? 7.706   9.035   14.044  1.00 71.06  ? 3   G   A C8    1 
ATOM   52  N N7    . G   A 1 3  ? 6.810   9.727   13.392  1.00 80.29  ? 3   G   A N7    1 
ATOM   53  C C5    . G   A 1 3  ? 5.832   10.005  14.339  1.00 74.46  ? 3   G   A C5    1 
ATOM   54  C C6    . G   A 1 3  ? 4.605   10.725  14.219  1.00 68.55  ? 3   G   A C6    1 
ATOM   55  O O6    . G   A 1 3  ? 4.132   11.285  13.223  1.00 70.07  ? 3   G   A O6    1 
ATOM   56  N N1    . G   A 1 3  ? 3.909   10.752  15.423  1.00 61.82  ? 3   G   A N1    1 
ATOM   57  C C2    . G   A 1 3  ? 4.329   10.163  16.590  1.00 66.88  ? 3   G   A C2    1 
ATOM   58  N N2    . G   A 1 3  ? 3.519   10.299  17.645  1.00 69.29  ? 3   G   A N2    1 
ATOM   59  N N3    . G   A 1 3  ? 5.468   9.495   16.716  1.00 69.36  ? 3   G   A N3    1 
ATOM   60  C C4    . G   A 1 3  ? 6.163   9.456   15.560  1.00 72.47  ? 3   G   A C4    1 
ATOM   61  P P     . C   A 1 4  ? 7.939   3.857   14.824  1.00 87.62  ? 4   C   A P     1 
ATOM   62  O OP1   . C   A 1 4  ? 8.488   2.513   14.531  1.00 92.01  ? 4   C   A OP1   1 
ATOM   63  O OP2   . C   A 1 4  ? 7.277   4.612   13.731  1.00 88.52  ? 4   C   A OP2   1 
ATOM   64  O "O5'" . C   A 1 4  ? 6.932   3.808   16.055  1.00 83.64  ? 4   C   A "O5'" 1 
ATOM   65  C "C5'" . C   A 1 4  ? 5.606   3.291   15.899  1.00 85.57  ? 4   C   A "C5'" 1 
ATOM   66  C "C4'" . C   A 1 4  ? 4.693   3.878   16.946  1.00 90.71  ? 4   C   A "C4'" 1 
ATOM   67  O "O4'" . C   A 1 4  ? 4.907   5.315   17.080  1.00 85.18  ? 4   C   A "O4'" 1 
ATOM   68  C "C3'" . C   A 1 4  ? 3.212   3.767   16.633  1.00 91.64  ? 4   C   A "C3'" 1 
ATOM   69  O "O3'" . C   A 1 4  ? 2.693   2.464   16.781  1.00 90.32  ? 4   C   A "O3'" 1 
ATOM   70  C "C2'" . C   A 1 4  ? 2.647   4.865   17.507  1.00 91.78  ? 4   C   A "C2'" 1 
ATOM   71  O "O2'" . C   A 1 4  ? 2.611   4.579   18.890  1.00 86.97  ? 4   C   A "O2'" 1 
ATOM   72  C "C1'" . C   A 1 4  ? 3.647   5.970   17.176  1.00 89.49  ? 4   C   A "C1'" 1 
ATOM   73  N N1    . C   A 1 4  ? 3.349   6.603   15.876  1.00 88.20  ? 4   C   A N1    1 
ATOM   74  C C2    . C   A 1 4  ? 2.187   7.374   15.750  1.00 93.07  ? 4   C   A C2    1 
ATOM   75  O O2    . C   A 1 4  ? 1.447   7.517   16.736  1.00 106.18 ? 4   C   A O2    1 
ATOM   76  N N3    . C   A 1 4  ? 1.904   7.954   14.562  1.00 87.59  ? 4   C   A N3    1 
ATOM   77  C C4    . C   A 1 4  ? 2.725   7.781   13.525  1.00 86.53  ? 4   C   A C4    1 
ATOM   78  N N4    . C   A 1 4  ? 2.407   8.372   12.372  1.00 88.67  ? 4   C   A N4    1 
ATOM   79  C C5    . C   A 1 4  ? 3.905   6.986   13.620  1.00 86.01  ? 4   C   A C5    1 
ATOM   80  C C6    . C   A 1 4  ? 4.174   6.418   14.801  1.00 82.69  ? 4   C   A C6    1 
ATOM   81  P P     . U   A 1 5  ? 2.320   1.648   15.471  1.00 95.13  ? 5   U   A P     1 
ATOM   82  O OP1   . U   A 1 5  ? 3.301   0.525   15.339  1.00 83.63  ? 5   U   A OP1   1 
ATOM   83  O OP2   . U   A 1 5  ? 2.177   2.612   14.351  1.00 95.52  ? 5   U   A OP2   1 
ATOM   84  O "O5'" . U   A 1 5  ? 0.836   1.174   15.801  1.00 93.25  ? 5   U   A "O5'" 1 
ATOM   85  C "C5'" . U   A 1 5  ? -0.243  1.355   14.874  1.00 88.20  ? 5   U   A "C5'" 1 
ATOM   86  C "C4'" . U   A 1 5  ? -1.312  2.234   15.466  1.00 88.13  ? 5   U   A "C4'" 1 
ATOM   87  O "O4'" . U   A 1 5  ? -0.833  3.596   15.649  1.00 88.20  ? 5   U   A "O4'" 1 
ATOM   88  C "C3'" . U   A 1 5  ? -2.518  2.422   14.569  1.00 84.42  ? 5   U   A "C3'" 1 
ATOM   89  O "O3'" . U   A 1 5  ? -3.402  1.313   14.557  1.00 81.04  ? 5   U   A "O3'" 1 
ATOM   90  C "C2'" . U   A 1 5  ? -3.164  3.637   15.196  1.00 87.59  ? 5   U   A "C2'" 1 
ATOM   91  O "O2'" . U   A 1 5  ? -3.926  3.240   16.312  1.00 97.08  ? 5   U   A "O2'" 1 
ATOM   92  C "C1'" . U   A 1 5  ? -1.937  4.490   15.545  1.00 91.33  ? 5   U   A "C1'" 1 
ATOM   93  N N1    . U   A 1 5  ? -1.670  5.511   14.513  1.00 89.00  ? 5   U   A N1    1 
ATOM   94  C C2    . U   A 1 5  ? -2.619  6.510   14.364  1.00 95.41  ? 5   U   A C2    1 
ATOM   95  O O2    . U   A 1 5  ? -3.617  6.586   15.060  1.00 105.64 ? 5   U   A O2    1 
ATOM   96  N N3    . U   A 1 5  ? -2.358  7.418   13.369  1.00 93.83  ? 5   U   A N3    1 
ATOM   97  C C4    . U   A 1 5  ? -1.270  7.440   12.527  1.00 89.82  ? 5   U   A C4    1 
ATOM   98  O O4    . U   A 1 5  ? -1.177  8.335   11.684  1.00 82.14  ? 5   U   A O4    1 
ATOM   99  C C5    . U   A 1 5  ? -0.336  6.372   12.733  1.00 88.08  ? 5   U   A C5    1 
ATOM   100 C C6    . U   A 1 5  ? -0.564  5.462   13.691  1.00 86.13  ? 5   U   A C6    1 
ATOM   101 P P     . G   A 1 6  ? -3.568  0.411   13.231  1.00 86.15  ? 6   G   A P     1 
ATOM   102 O OP1   . G   A 1 6  ? -4.251  -0.833  13.617  1.00 92.11  ? 6   G   A OP1   1 
ATOM   103 O OP2   . G   A 1 6  ? -2.271  0.327   12.526  1.00 84.53  ? 6   G   A OP2   1 
ATOM   104 O "O5'" . G   A 1 6  ? -4.617  1.229   12.363  1.00 78.40  ? 6   G   A "O5'" 1 
ATOM   105 C "C5'" . G   A 1 6  ? -5.912  1.497   12.905  1.00 79.93  ? 6   G   A "C5'" 1 
ATOM   106 C "C4'" . G   A 1 6  ? -6.344  2.870   12.497  1.00 82.81  ? 6   G   A "C4'" 1 
ATOM   107 O "O4'" . G   A 1 6  ? -5.327  3.844   12.843  1.00 91.43  ? 6   G   A "O4'" 1 
ATOM   108 C "C3'" . G   A 1 6  ? -6.460  3.089   11.007  1.00 82.58  ? 6   G   A "C3'" 1 
ATOM   109 O "O3'" . G   A 1 6  ? -7.509  2.369   10.411  1.00 85.20  ? 6   G   A "O3'" 1 
ATOM   110 C "C2'" . G   A 1 6  ? -6.526  4.598   10.946  1.00 84.95  ? 6   G   A "C2'" 1 
ATOM   111 O "O2'" . G   A 1 6  ? -7.753  5.187   11.307  1.00 83.53  ? 6   G   A "O2'" 1 
ATOM   112 C "C1'" . G   A 1 6  ? -5.417  4.945   11.940  1.00 92.53  ? 6   G   A "C1'" 1 
ATOM   113 N N9    . G   A 1 6  ? -4.139  5.122   11.255  1.00 93.65  ? 6   G   A N9    1 
ATOM   114 C C8    . G   A 1 6  ? -2.945  4.480   11.479  1.00 89.65  ? 6   G   A C8    1 
ATOM   115 N N7    . G   A 1 6  ? -1.993  4.874   10.676  1.00 88.74  ? 6   G   A N7    1 
ATOM   116 C C5    . G   A 1 6  ? -2.595  5.838   9.880   1.00 88.40  ? 6   G   A C5    1 
ATOM   117 C C6    . G   A 1 6  ? -2.061  6.632   8.834   1.00 87.99  ? 6   G   A C6    1 
ATOM   118 O O6    . G   A 1 6  ? -0.912  6.631   8.378   1.00 89.10  ? 6   G   A O6    1 
ATOM   119 N N1    . G   A 1 6  ? -3.024  7.474   8.286   1.00 86.09  ? 6   G   A N1    1 
ATOM   120 C C2    . G   A 1 6  ? -4.332  7.552   8.700   1.00 86.78  ? 6   G   A C2    1 
ATOM   121 N N2    . G   A 1 6  ? -5.113  8.436   8.063   1.00 87.68  ? 6   G   A N2    1 
ATOM   122 N N3    . G   A 1 6  ? -4.837  6.827   9.681   1.00 89.15  ? 6   G   A N3    1 
ATOM   123 C C4    . G   A 1 6  ? -3.920  5.998   10.222  1.00 90.92  ? 6   G   A C4    1 
ATOM   124 P P     . G   A 1 7  ? -7.145  1.111   9.542   1.00 92.00  ? 7   G   A P     1 
ATOM   125 O OP1   . G   A 1 7  ? -8.237  0.124   9.714   1.00 92.01  ? 7   G   A OP1   1 
ATOM   126 O OP2   . G   A 1 7  ? -5.751  0.718   9.876   1.00 90.06  ? 7   G   A OP2   1 
ATOM   127 O "O5'" . G   A 1 7  ? -7.196  1.682   8.057   1.00 77.29  ? 7   G   A "O5'" 1 
ATOM   128 C "C5'" . G   A 1 7  ? -8.461  2.031   7.485   1.00 72.65  ? 7   G   A "C5'" 1 
ATOM   129 C "C4'" . G   A 1 7  ? -8.427  3.444   6.973   1.00 70.02  ? 7   G   A "C4'" 1 
ATOM   130 O "O4'" . G   A 1 7  ? -7.487  4.223   7.750   1.00 67.96  ? 7   G   A "O4'" 1 
ATOM   131 C "C3'" . G   A 1 7  ? -7.900  3.560   5.563   1.00 73.84  ? 7   G   A "C3'" 1 
ATOM   132 O "O3'" . G   A 1 7  ? -8.843  3.169   4.586   1.00 69.36  ? 7   G   A "O3'" 1 
ATOM   133 C "C2'" . G   A 1 7  ? -7.425  5.001   5.507   1.00 71.17  ? 7   G   A "C2'" 1 
ATOM   134 O "O2'" . G   A 1 7  ? -8.390  5.985   5.226   1.00 74.48  ? 7   G   A "O2'" 1 
ATOM   135 C "C1'" . G   A 1 7  ? -6.825  5.152   6.904   1.00 67.28  ? 7   G   A "C1'" 1 
ATOM   136 N N9    . G   A 1 7  ? -5.403  4.849   6.925   1.00 66.23  ? 7   G   A N9    1 
ATOM   137 C C8    . G   A 1 7  ? -4.742  3.981   7.761   1.00 66.39  ? 7   G   A C8    1 
ATOM   138 N N7    . G   A 1 7  ? -3.459  3.925   7.527   1.00 70.69  ? 7   G   A N7    1 
ATOM   139 C C5    . G   A 1 7  ? -3.265  4.794   6.461   1.00 68.68  ? 7   G   A C5    1 
ATOM   140 C C6    . G   A 1 7  ? -2.076  5.163   5.777   1.00 65.32  ? 7   G   A C6    1 
ATOM   141 O O6    . G   A 1 7  ? -0.919  4.772   5.975   1.00 69.96  ? 7   G   A O6    1 
ATOM   142 N N1    . G   A 1 7  ? -2.329  6.097   4.777   1.00 58.16  ? 7   G   A N1    1 
ATOM   143 C C2    . G   A 1 7  ? -3.567  6.606   4.470   1.00 58.76  ? 7   G   A C2    1 
ATOM   144 N N2    . G   A 1 7  ? -3.612  7.482   3.457   1.00 59.53  ? 7   G   A N2    1 
ATOM   145 N N3    . G   A 1 7  ? -4.680  6.278   5.105   1.00 57.36  ? 7   G   A N3    1 
ATOM   146 C C4    . G   A 1 7  ? -4.457  5.375   6.082   1.00 64.28  ? 7   G   A C4    1 
ATOM   147 P P     . C   A 1 8  ? -8.337  2.255   3.421   1.00 77.63  ? 8   C   A P     1 
ATOM   148 O OP1   . C   A 1 8  ? -9.506  1.582   2.810   1.00 81.35  ? 8   C   A OP1   1 
ATOM   149 O OP2   . C   A 1 8  ? -7.193  1.451   3.947   1.00 66.62  ? 8   C   A OP2   1 
ATOM   150 O "O5'" . C   A 1 8  ? -7.861  3.318   2.351   1.00 58.41  ? 8   C   A "O5'" 1 
ATOM   151 C "C5'" . C   A 1 8  ? -8.802  4.252   1.853   1.00 55.96  ? 8   C   A "C5'" 1 
ATOM   152 C "C4'" . C   A 1 8  ? -8.058  5.226   1.008   1.00 56.82  ? 8   C   A "C4'" 1 
ATOM   153 O "O4'" . C   A 1 8  ? -6.930  5.713   1.764   1.00 57.45  ? 8   C   A "O4'" 1 
ATOM   154 C "C3'" . C   A 1 8  ? -7.383  4.595   -0.181  1.00 62.56  ? 8   C   A "C3'" 1 
ATOM   155 O "O3'" . C   A 1 8  ? -8.336  4.214   -1.149  1.00 66.94  ? 8   C   A "O3'" 1 
ATOM   156 C "C2'" . C   A 1 8  ? -6.324  5.630   -0.519  1.00 59.34  ? 8   C   A "C2'" 1 
ATOM   157 O "O2'" . C   A 1 8  ? -6.730  6.784   -1.217  1.00 58.52  ? 8   C   A "O2'" 1 
ATOM   158 C "C1'" . C   A 1 8  ? -5.862  6.020   0.881   1.00 55.39  ? 8   C   A "C1'" 1 
ATOM   159 N N1    . C   A 1 8  ? -4.671  5.288   1.324   1.00 53.05  ? 8   C   A N1    1 
ATOM   160 C C2    . C   A 1 8  ? -3.453  5.551   0.695   1.00 54.58  ? 8   C   A C2    1 
ATOM   161 O O2    . C   A 1 8  ? -3.423  6.383   -0.225  1.00 63.35  ? 8   C   A O2    1 
ATOM   162 N N3    . C   A 1 8  ? -2.340  4.897   1.103   1.00 49.38  ? 8   C   A N3    1 
ATOM   163 C C4    . C   A 1 8  ? -2.414  4.023   2.108   1.00 50.66  ? 8   C   A C4    1 
ATOM   164 N N4    . C   A 1 8  ? -1.296  3.403   2.484   1.00 52.52  ? 8   C   A N4    1 
ATOM   165 C C5    . C   A 1 8  ? -3.641  3.744   2.775   1.00 52.68  ? 8   C   A C5    1 
ATOM   166 C C6    . C   A 1 8  ? -4.736  4.388   2.351   1.00 53.10  ? 8   C   A C6    1 
ATOM   167 P P     . U   A 1 9  ? -8.104  2.849   -1.901  1.00 69.85  ? 9   U   A P     1 
ATOM   168 O OP1   . U   A 1 9  ? -9.274  2.626   -2.797  1.00 57.21  ? 9   U   A OP1   1 
ATOM   169 O OP2   . U   A 1 9  ? -7.691  1.816   -0.878  1.00 59.92  ? 9   U   A OP2   1 
ATOM   170 O "O5'" . U   A 1 9  ? -6.851  3.206   -2.811  1.00 60.32  ? 9   U   A "O5'" 1 
ATOM   171 C "C5'" . U   A 1 9  ? -7.000  4.141   -3.890  1.00 62.22  ? 9   U   A "C5'" 1 
ATOM   172 C "C4'" . U   A 1 9  ? -5.651  4.603   -4.396  1.00 62.57  ? 9   U   A "C4'" 1 
ATOM   173 O "O4'" . U   A 1 9  ? -4.803  4.985   -3.284  1.00 59.37  ? 9   U   A "O4'" 1 
ATOM   174 C "C3'" . U   A 1 9  ? -4.814  3.576   -5.136  1.00 60.87  ? 9   U   A "C3'" 1 
ATOM   175 O "O3'" . U   A 1 9  ? -5.232  3.460   -6.480  1.00 69.15  ? 9   U   A "O3'" 1 
ATOM   176 C "C2'" . U   A 1 9  ? -3.418  4.163   -5.017  1.00 50.73  ? 9   U   A "C2'" 1 
ATOM   177 O "O2'" . U   A 1 9  ? -3.209  5.250   -5.889  1.00 39.75  ? 9   U   A "O2'" 1 
ATOM   178 C "C1'" . U   A 1 9  ? -3.452  4.666   -3.583  1.00 48.78  ? 9   U   A "C1'" 1 
ATOM   179 N N1    . U   A 1 9  ? -2.942  3.738   -2.560  1.00 45.78  ? 9   U   A N1    1 
ATOM   180 C C2    . U   A 1 9  ? -1.570  3.695   -2.400  1.00 47.18  ? 9   U   A C2    1 
ATOM   181 O O2    . U   A 1 9  ? -0.803  4.309   -3.120  1.00 50.13  ? 9   U   A O2    1 
ATOM   182 N N3    . U   A 1 9  ? -1.130  2.891   -1.378  1.00 43.11  ? 9   U   A N3    1 
ATOM   183 C C4    . U   A 1 9  ? -1.901  2.135   -0.523  1.00 41.43  ? 9   U   A C4    1 
ATOM   184 O O4    . U   A 1 9  ? -1.352  1.451   0.344   1.00 40.50  ? 9   U   A O4    1 
ATOM   185 C C5    . U   A 1 9  ? -3.313  2.255   -0.732  1.00 41.11  ? 9   U   A C5    1 
ATOM   186 C C6    . U   A 1 9  ? -3.774  3.043   -1.711  1.00 41.47  ? 9   U   A C6    1 
ATOM   187 P P     . A   A 1 10 ? -5.294  2.027   -7.122  1.00 72.91  ? 10  A   A P     1 
ATOM   188 O OP1   . A   A 1 10 ? -5.790  2.198   -8.519  1.00 67.17  ? 10  A   A OP1   1 
ATOM   189 O OP2   . A   A 1 10 ? -5.958  1.105   -6.149  1.00 58.01  ? 10  A   A OP2   1 
ATOM   190 O "O5'" . A   A 1 10 ? -3.775  1.564   -7.079  1.00 72.72  ? 10  A   A "O5'" 1 
ATOM   191 C "C5'" . A   A 1 10 ? -2.838  1.998   -8.076  1.00 71.24  ? 10  A   A "C5'" 1 
ATOM   192 C "C4'" . A   A 1 10 ? -1.535  1.275   -7.854  1.00 73.14  ? 10  A   A "C4'" 1 
ATOM   193 O "O4'" . A   A 1 10 ? -1.197  1.315   -6.445  1.00 72.71  ? 10  A   A "O4'" 1 
ATOM   194 C "C3'" . A   A 1 10 ? -1.511  -0.210  -8.244  1.00 71.35  ? 10  A   A "C3'" 1 
ATOM   195 O "O3'" . A   A 1 10 ? -0.410  -0.459  -9.092  1.00 65.13  ? 10  A   A "O3'" 1 
ATOM   196 C "C2'" . A   A 1 10 ? -1.266  -0.948  -6.936  1.00 68.53  ? 10  A   A "C2'" 1 
ATOM   197 O "O2'" . A   A 1 10 ? -0.421  -2.061  -7.139  1.00 73.71  ? 10  A   A "O2'" 1 
ATOM   198 C "C1'" . A   A 1 10 ? -0.555  0.117   -6.113  1.00 69.21  ? 10  A   A "C1'" 1 
ATOM   199 N N9    . A   A 1 10 ? -0.704  -0.113  -4.689  1.00 66.07  ? 10  A   A N9    1 
ATOM   200 C C8    . A   A 1 10 ? -1.845  -0.073  -3.930  1.00 69.98  ? 10  A   A C8    1 
ATOM   201 N N7    . A   A 1 10 ? -1.653  -0.397  -2.675  1.00 63.25  ? 10  A   A N7    1 
ATOM   202 C C5    . A   A 1 10 ? -0.302  -0.693  -2.610  1.00 57.99  ? 10  A   A C5    1 
ATOM   203 C C6    . A   A 1 10 ? 0.522   -1.117  -1.558  1.00 63.05  ? 10  A   A C6    1 
ATOM   204 N N6    . A   A 1 10 ? 0.090   -1.304  -0.311  1.00 74.13  ? 10  A   A N6    1 
ATOM   205 N N1    . A   A 1 10 ? 1.828   -1.323  -1.827  1.00 69.91  ? 10  A   A N1    1 
ATOM   206 C C2    . A   A 1 10 ? 2.264   -1.133  -3.078  1.00 70.99  ? 10  A   A C2    1 
ATOM   207 N N3    . A   A 1 10 ? 1.585   -0.732  -4.152  1.00 67.42  ? 10  A   A N3    1 
ATOM   208 C C4    . A   A 1 10 ? 0.296   -0.521  -3.844  1.00 63.07  ? 10  A   A C4    1 
ATOM   209 P P     . A   A 1 11 ? -0.570  -0.160  -10.610 1.00 70.99  ? 11  A   A P     1 
ATOM   210 O OP1   . A   A 1 11 ? -1.581  0.919   -10.782 1.00 66.81  ? 11  A   A OP1   1 
ATOM   211 O OP2   . A   A 1 11 ? -0.729  -1.467  -11.289 1.00 78.50  ? 11  A   A OP2   1 
ATOM   212 O "O5'" . A   A 1 11 ? 0.807   0.520   -11.000 1.00 65.80  ? 11  A   A "O5'" 1 
ATOM   213 C "C5'" . A   A 1 11 ? 0.888   1.399   -12.131 1.00 63.66  ? 11  A   A "C5'" 1 
ATOM   214 C "C4'" . A   A 1 11 ? 2.269   1.994   -12.205 1.00 64.14  ? 11  A   A "C4'" 1 
ATOM   215 O "O4'" . A   A 1 11 ? 2.445   2.954   -11.126 1.00 63.03  ? 11  A   A "O4'" 1 
ATOM   216 C "C3'" . A   A 1 11 ? 3.423   1.012   -12.033 1.00 64.48  ? 11  A   A "C3'" 1 
ATOM   217 O "O3'" . A   A 1 11 ? 3.627   0.394   -13.295 1.00 70.12  ? 11  A   A "O3'" 1 
ATOM   218 C "C2'" . A   A 1 11 ? 4.516   1.922   -11.489 1.00 58.24  ? 11  A   A "C2'" 1 
ATOM   219 O "O2'" . A   A 1 11 ? 5.054   2.864   -12.391 1.00 56.01  ? 11  A   A "O2'" 1 
ATOM   220 C "C1'" . A   A 1 11 ? 3.708   2.770   -10.519 1.00 54.36  ? 11  A   A "C1'" 1 
ATOM   221 N N9    . A   A 1 11 ? 3.502   2.111   -9.239  1.00 47.85  ? 11  A   A N9    1 
ATOM   222 C C8    . A   A 1 11 ? 2.361   1.540   -8.732  1.00 48.61  ? 11  A   A C8    1 
ATOM   223 N N7    . A   A 1 11 ? 2.517   1.017   -7.541  1.00 49.05  ? 11  A   A N7    1 
ATOM   224 C C5    . A   A 1 11 ? 3.851   1.255   -7.246  1.00 46.93  ? 11  A   A C5    1 
ATOM   225 C C6    . A   A 1 11 ? 4.641   0.938   -6.129  1.00 47.47  ? 11  A   A C6    1 
ATOM   226 N N6    . A   A 1 11 ? 4.177   0.294   -5.060  1.00 51.87  ? 11  A   A N6    1 
ATOM   227 N N1    . A   A 1 11 ? 5.937   1.324   -6.142  1.00 46.09  ? 11  A   A N1    1 
ATOM   228 C C2    . A   A 1 11 ? 6.400   1.968   -7.223  1.00 52.72  ? 11  A   A C2    1 
ATOM   229 N N3    . A   A 1 11 ? 5.756   2.307   -8.345  1.00 49.25  ? 11  A   A N3    1 
ATOM   230 C C4    . A   A 1 11 ? 4.471   1.921   -8.288  1.00 46.41  ? 11  A   A C4    1 
ATOM   231 P P     . G   A 1 12 ? 4.251   -1.066  -13.398 1.00 70.12  ? 12  G   A P     1 
ATOM   232 O OP1   . G   A 1 12 ? 4.842   -1.154  -14.761 1.00 61.61  ? 12  G   A OP1   1 
ATOM   233 O OP2   . G   A 1 12 ? 3.251   -2.064  -12.889 1.00 52.48  ? 12  G   A OP2   1 
ATOM   234 O "O5'" . G   A 1 12 ? 5.405   -1.044  -12.303 1.00 63.29  ? 12  G   A "O5'" 1 
ATOM   235 C "C5'" . G   A 1 12 ? 6.723   -0.547  -12.582 1.00 59.20  ? 12  G   A "C5'" 1 
ATOM   236 C "C4'" . G   A 1 12 ? 7.620   -0.931  -11.439 1.00 60.54  ? 12  G   A "C4'" 1 
ATOM   237 O "O4'" . G   A 1 12 ? 7.100   -0.327  -10.226 1.00 56.43  ? 12  G   A "O4'" 1 
ATOM   238 C "C3'" . G   A 1 12 ? 7.664   -2.422  -11.127 1.00 70.58  ? 12  G   A "C3'" 1 
ATOM   239 O "O3'" . G   A 1 12 ? 8.625   -3.141  -11.899 1.00 76.71  ? 12  G   A "O3'" 1 
ATOM   240 C "C2'" . G   A 1 12 ? 8.020   -2.424  -9.650  1.00 67.60  ? 12  G   A "C2'" 1 
ATOM   241 O "O2'" . G   A 1 12 ? 9.426   -2.306  -9.470  1.00 74.79  ? 12  G   A "O2'" 1 
ATOM   242 C "C1'" . G   A 1 12 ? 7.177   -1.251  -9.148  1.00 58.25  ? 12  G   A "C1'" 1 
ATOM   243 N N9    . G   A 1 12 ? 5.814   -1.605  -8.751  1.00 53.77  ? 12  G   A N9    1 
ATOM   244 C C8    . G   A 1 12 ? 4.674   -1.408  -9.493  1.00 58.02  ? 12  G   A C8    1 
ATOM   245 N N7    . G   A 1 12 ? 3.590   -1.802  -8.883  1.00 60.02  ? 12  G   A N7    1 
ATOM   246 C C5    . G   A 1 12 ? 4.036   -2.282  -7.661  1.00 50.23  ? 12  G   A C5    1 
ATOM   247 C C6    . G   A 1 12 ? 3.316   -2.862  -6.585  1.00 49.94  ? 12  G   A C6    1 
ATOM   248 O O6    . G   A 1 12 ? 2.097   -3.065  -6.492  1.00 52.67  ? 12  G   A O6    1 
ATOM   249 N N1    . G   A 1 12 ? 4.158   -3.229  -5.544  1.00 46.72  ? 12  G   A N1    1 
ATOM   250 C C2    . G   A 1 12 ? 5.522   -3.072  -5.544  1.00 52.05  ? 12  G   A C2    1 
ATOM   251 N N2    . G   A 1 12 ? 6.163   -3.493  -4.440  1.00 56.20  ? 12  G   A N2    1 
ATOM   252 N N3    . G   A 1 12 ? 6.210   -2.547  -6.549  1.00 48.75  ? 12  G   A N3    1 
ATOM   253 C C4    . G   A 1 12 ? 5.407   -2.167  -7.562  1.00 48.57  ? 12  G   A C4    1 
ATOM   254 P P     . G   A 1 13 ? 8.336   -4.646  -12.312 1.00 69.05  ? 13  G   A P     1 
ATOM   255 O OP1   . G   A 1 13 ? 9.605   -5.184  -12.866 1.00 74.82  ? 13  G   A OP1   1 
ATOM   256 O OP2   . G   A 1 13 ? 7.099   -4.659  -13.147 1.00 63.59  ? 13  G   A OP2   1 
ATOM   257 O "O5'" . G   A 1 13 ? 8.058   -5.346  -10.912 1.00 49.61  ? 13  G   A "O5'" 1 
ATOM   258 C "C5'" . G   A 1 13 ? 9.187   -5.757  -10.155 1.00 50.48  ? 13  G   A "C5'" 1 
ATOM   259 C "C4'" . G   A 1 13 ? 8.754   -6.214  -8.800  1.00 56.06  ? 13  G   A "C4'" 1 
ATOM   260 O "O4'" . G   A 1 13 ? 7.769   -5.291  -8.303  1.00 61.49  ? 13  G   A "O4'" 1 
ATOM   261 C "C3'" . G   A 1 13 ? 8.012   -7.533  -8.753  1.00 62.89  ? 13  G   A "C3'" 1 
ATOM   262 O "O3'" . G   A 1 13 ? 8.863   -8.660  -8.867  1.00 71.24  ? 13  G   A "O3'" 1 
ATOM   263 C "C2'" . G   A 1 13 ? 7.291   -7.437  -7.415  1.00 59.63  ? 13  G   A "C2'" 1 
ATOM   264 O "O2'" . G   A 1 13 ? 8.068   -7.728  -6.277  1.00 57.17  ? 13  G   A "O2'" 1 
ATOM   265 C "C1'" . G   A 1 13 ? 6.893   -5.966  -7.419  1.00 59.78  ? 13  G   A "C1'" 1 
ATOM   266 N N9    . G   A 1 13 ? 5.522   -5.738  -7.856  1.00 58.13  ? 13  G   A N9    1 
ATOM   267 C C8    . G   A 1 13 ? 5.079   -5.083  -8.983  1.00 59.58  ? 13  G   A C8    1 
ATOM   268 N N7    . G   A 1 13 ? 3.777   -5.019  -9.058  1.00 57.67  ? 13  G   A N7    1 
ATOM   269 C C5    . G   A 1 13 ? 3.336   -5.676  -7.918  1.00 56.54  ? 13  G   A C5    1 
ATOM   270 C C6    . G   A 1 13 ? 2.020   -5.927  -7.455  1.00 58.18  ? 13  G   A C6    1 
ATOM   271 O O6    . G   A 1 13 ? 0.948   -5.615  -7.983  1.00 61.61  ? 13  G   A O6    1 
ATOM   272 N N1    . G   A 1 13 ? 2.026   -6.620  -6.245  1.00 53.67  ? 13  G   A N1    1 
ATOM   273 C C2    . G   A 1 13 ? 3.157   -7.031  -5.577  1.00 55.42  ? 13  G   A C2    1 
ATOM   274 N N2    . G   A 1 13 ? 2.964   -7.688  -4.424  1.00 55.75  ? 13  G   A N2    1 
ATOM   275 N N3    . G   A 1 13 ? 4.391   -6.800  -6.000  1.00 50.73  ? 13  G   A N3    1 
ATOM   276 C C4    . G   A 1 13 ? 4.404   -6.118  -7.163  1.00 53.79  ? 13  G   A C4    1 
HETATM 277 C "C1'" . TG  A 1 14 ? 5.389   -11.238 -7.115  1.00 71.70  ? 14  TG  A "C1'" 1 
HETATM 278 C C2    . TG  A 1 14 ? 1.521   -10.718 -5.783  1.00 63.90  ? 14  TG  A C2    1 
HETATM 279 C "C2'" . TG  A 1 14 ? 6.068   -12.204 -7.998  1.00 76.98  ? 14  TG  A "C2'" 1 
HETATM 280 C "C3'" . TG  A 1 14 ? 7.386   -11.591 -8.371  1.00 71.41  ? 14  TG  A "C3'" 1 
HETATM 281 C C4    . TG  A 1 14 ? 3.198   -10.295 -7.310  1.00 59.48  ? 14  TG  A C4    1 
HETATM 282 C "C4'" . TG  A 1 14 ? 7.738   -10.953 -7.045  1.00 72.35  ? 14  TG  A "C4'" 1 
HETATM 283 C C5    . TG  A 1 14 ? 2.427   -9.485  -8.065  1.00 59.09  ? 14  TG  A C5    1 
HETATM 284 C C6    . TG  A 1 14 ? 1.160   -9.235  -7.705  1.00 61.77  ? 14  TG  A C6    1 
HETATM 285 C C8    . TG  A 1 14 ? 4.364   -9.596  -8.979  1.00 62.18  ? 14  TG  A C8    1 
HETATM 286 N N1    . TG  A 1 14 ? 0.667   -9.867  -6.528  1.00 60.75  ? 14  TG  A N1    1 
HETATM 287 N N2    . TG  A 1 14 ? 1.106   -11.337 -4.675  1.00 69.09  ? 14  TG  A N2    1 
HETATM 288 N N3    . TG  A 1 14 ? 2.775   -10.902 -6.191  1.00 56.05  ? 14  TG  A N3    1 
HETATM 289 N N7    . TG  A 1 14 ? 3.153   -9.052  -9.100  1.00 57.01  ? 14  TG  A N7    1 
HETATM 290 N N9    . TG  A 1 14 ? 4.388   -10.364 -7.868  1.00 66.47  ? 14  TG  A N9    1 
HETATM 291 O O1P   . TG  A 1 14 ? 9.631   -10.800 -9.846  1.00 66.87  ? 14  TG  A O1P   1 
HETATM 292 O "O2'" . TG  A 1 14 ? 6.029   -13.653 -7.679  1.00 81.43  ? 14  TG  A "O2'" 1 
HETATM 293 O O2P   . TG  A 1 14 ? 8.217   -9.100  -11.322 1.00 56.28  ? 14  TG  A O2P   1 
HETATM 294 O "O3'" . TG  A 1 14 ? 7.218   -10.637 -9.452  1.00 64.68  ? 14  TG  A "O3'" 1 
HETATM 295 O "O4'" . TG  A 1 14 ? 6.461   -10.462 -6.519  1.00 76.08  ? 14  TG  A "O4'" 1 
HETATM 296 O O6    . TG  A 1 14 ? 0.459   -8.469  -8.384  1.00 59.43  ? 14  TG  A O6    1 
HETATM 297 P P     . TG  A 1 14 ? 8.527   -9.805  -9.955  1.00 72.35  ? 14  TG  A P     1 
ATOM   298 P P     . C   A 1 15 ? 5.614   -14.811 -8.800  1.00 62.81  ? 15  C   A P     1 
ATOM   299 O OP1   . C   A 1 15 ? 6.532   -15.899 -8.769  1.00 50.68  ? 15  C   A OP1   1 
ATOM   300 O OP2   . C   A 1 15 ? 5.298   -14.217 -10.124 1.00 56.47  ? 15  C   A OP2   1 
ATOM   301 O "O5'" . C   A 1 15 ? 4.222   -15.276 -8.189  1.00 66.99  ? 15  C   A "O5'" 1 
ATOM   302 C "C5'" . C   A 1 15 ? 4.276   -15.868 -6.877  1.00 72.83  ? 15  C   A "C5'" 1 
ATOM   303 C "C4'" . C   A 1 15 ? 2.915   -15.818 -6.235  1.00 80.96  ? 15  C   A "C4'" 1 
ATOM   304 O "O4'" . C   A 1 15 ? 2.538   -14.436 -5.960  1.00 87.16  ? 15  C   A "O4'" 1 
ATOM   305 C "C3'" . C   A 1 15 ? 1.758   -16.335 -7.075  1.00 82.70  ? 15  C   A "C3'" 1 
ATOM   306 O "O3'" . C   A 1 15 ? 1.736   -17.754 -7.134  1.00 86.11  ? 15  C   A "O3'" 1 
ATOM   307 C "C2'" . C   A 1 15 ? 0.580   -15.675 -6.376  1.00 77.24  ? 15  C   A "C2'" 1 
ATOM   308 O "O2'" . C   A 1 15 ? 0.200   -16.268 -5.151  1.00 70.35  ? 15  C   A "O2'" 1 
ATOM   309 C "C1'" . C   A 1 15 ? 1.144   -14.268 -6.179  1.00 74.13  ? 15  C   A "C1'" 1 
ATOM   310 N N1    . C   A 1 15 ? 0.955   -13.442 -7.381  1.00 67.28  ? 15  C   A N1    1 
ATOM   311 C C2    . C   A 1 15 ? -0.320  -12.933 -7.635  1.00 65.51  ? 15  C   A C2    1 
ATOM   312 O O2    . C   A 1 15 ? -1.228  -13.172 -6.829  1.00 65.19  ? 15  C   A O2    1 
ATOM   313 N N3    . C   A 1 15 ? -0.536  -12.214 -8.761  1.00 60.10  ? 15  C   A N3    1 
ATOM   314 C C4    . C   A 1 15 ? 0.470   -11.988 -9.608  1.00 62.47  ? 15  C   A C4    1 
ATOM   315 N N4    . C   A 1 15 ? 0.219   -11.262 -10.697 1.00 63.58  ? 15  C   A N4    1 
ATOM   316 C C5    . C   A 1 15 ? 1.778   -12.507 -9.381  1.00 68.99  ? 15  C   A C5    1 
ATOM   317 C C6    . C   A 1 15 ? 1.971   -13.232 -8.272  1.00 67.48  ? 15  C   A C6    1 
ATOM   318 P P     . C   A 1 16 ? 1.755   -18.512 -8.550  1.00 81.37  ? 16  C   A P     1 
ATOM   319 O OP1   . C   A 1 16 ? 2.617   -19.706 -8.373  1.00 67.64  ? 16  C   A OP1   1 
ATOM   320 O OP2   . C   A 1 16 ? 2.061   -17.536 -9.647  1.00 72.75  ? 16  C   A OP2   1 
ATOM   321 O "O5'" . C   A 1 16 ? 0.219   -18.889 -8.768  1.00 79.18  ? 16  C   A "O5'" 1 
ATOM   322 C "C5'" . C   A 1 16 ? -0.708  -19.122 -7.677  1.00 72.85  ? 16  C   A "C5'" 1 
ATOM   323 C "C4'" . C   A 1 16 ? -2.125  -18.748 -8.075  1.00 72.95  ? 16  C   A "C4'" 1 
ATOM   324 O "O4'" . C   A 1 16 ? -2.289  -17.308 -8.040  1.00 74.75  ? 16  C   A "O4'" 1 
ATOM   325 C "C3'" . C   A 1 16 ? -2.572  -19.103 -9.485  1.00 74.66  ? 16  C   A "C3'" 1 
ATOM   326 O "O3'" . C   A 1 16 ? -2.870  -20.480 -9.620  1.00 76.74  ? 16  C   A "O3'" 1 
ATOM   327 C "C2'" . C   A 1 16 ? -3.772  -18.185 -9.676  1.00 71.73  ? 16  C   A "C2'" 1 
ATOM   328 O "O2'" . C   A 1 16 ? -4.994  -18.519 -9.057  1.00 66.50  ? 16  C   A "O2'" 1 
ATOM   329 C "C1'" . C   A 1 16 ? -3.282  -16.919 -8.980  1.00 73.48  ? 16  C   A "C1'" 1 
ATOM   330 N N1    . C   A 1 16 ? -2.713  -15.928 -9.911  1.00 72.47  ? 16  C   A N1    1 
ATOM   331 C C2    . C   A 1 16 ? -3.588  -15.162 -10.692 1.00 70.54  ? 16  C   A C2    1 
ATOM   332 O O2    . C   A 1 16 ? -4.809  -15.355 -10.590 1.00 70.75  ? 16  C   A O2    1 
ATOM   333 N N3    . C   A 1 16 ? -3.084  -14.230 -11.531 1.00 68.24  ? 16  C   A N3    1 
ATOM   334 C C4    . C   A 1 16 ? -1.764  -14.052 -11.612 1.00 78.10  ? 16  C   A C4    1 
ATOM   335 N N4    . C   A 1 16 ? -1.308  -13.136 -12.465 1.00 84.13  ? 16  C   A N4    1 
ATOM   336 C C5    . C   A 1 16 ? -0.849  -14.822 -10.834 1.00 81.73  ? 16  C   A C5    1 
ATOM   337 C C6    . C   A 1 16 ? -1.361  -15.741 -10.007 1.00 77.87  ? 16  C   A C6    1 
ATOM   338 P P     . G   A 1 17 ? -2.320  -21.269 -10.871 1.00 76.79  ? 17  G   A P     1 
ATOM   339 O OP1   . G   A 1 17 ? -2.847  -22.652 -10.778 1.00 81.44  ? 17  G   A OP1   1 
ATOM   340 O OP2   . G   A 1 17 ? -0.860  -21.014 -11.002 1.00 75.81  ? 17  G   A OP2   1 
ATOM   341 O "O5'" . G   A 1 17 ? -2.996  -20.508 -12.085 1.00 66.04  ? 17  G   A "O5'" 1 
ATOM   342 C "C5'" . G   A 1 17 ? -4.396  -20.650 -12.247 1.00 64.12  ? 17  G   A "C5'" 1 
ATOM   343 C "C4'" . G   A 1 17 ? -4.871  -19.702 -13.297 1.00 66.95  ? 17  G   A "C4'" 1 
ATOM   344 O "O4'" . G   A 1 17 ? -4.573  -18.341 -12.901 1.00 69.49  ? 17  G   A "O4'" 1 
ATOM   345 C "C3'" . G   A 1 17 ? -4.204  -19.805 -14.654 1.00 68.49  ? 17  G   A "C3'" 1 
ATOM   346 O "O3'" . G   A 1 17 ? -4.690  -20.925 -15.382 1.00 72.41  ? 17  G   A "O3'" 1 
ATOM   347 C "C2'" . G   A 1 17 ? -4.638  -18.483 -15.261 1.00 71.65  ? 17  G   A "C2'" 1 
ATOM   348 O "O2'" . G   A 1 17 ? -5.969  -18.557 -15.754 1.00 64.54  ? 17  G   A "O2'" 1 
ATOM   349 C "C1'" . G   A 1 17 ? -4.451  -17.539 -14.063 1.00 70.53  ? 17  G   A "C1'" 1 
ATOM   350 N N9    . G   A 1 17 ? -3.138  -16.899 -14.048 1.00 69.37  ? 17  G   A N9    1 
ATOM   351 C C8    . G   A 1 17 ? -2.016  -17.314 -13.371 1.00 73.36  ? 17  G   A C8    1 
ATOM   352 N N7    . G   A 1 17 ? -0.978  -16.554 -13.591 1.00 71.15  ? 17  G   A N7    1 
ATOM   353 C C5    . G   A 1 17 ? -1.436  -15.591 -14.478 1.00 69.58  ? 17  G   A C5    1 
ATOM   354 C C6    . G   A 1 17 ? -0.763  -14.494 -15.074 1.00 74.14  ? 17  G   A C6    1 
ATOM   355 O O6    . G   A 1 17 ? 0.410   -14.132 -14.919 1.00 87.06  ? 17  G   A O6    1 
ATOM   356 N N1    . G   A 1 17 ? -1.607  -13.765 -15.905 1.00 67.46  ? 17  G   A N1    1 
ATOM   357 C C2    . G   A 1 17 ? -2.931  -14.042 -16.122 1.00 67.82  ? 17  G   A C2    1 
ATOM   358 N N2    . G   A 1 17 ? -3.581  -13.213 -16.950 1.00 76.31  ? 17  G   A N2    1 
ATOM   359 N N3    . G   A 1 17 ? -3.570  -15.065 -15.579 1.00 65.37  ? 17  G   A N3    1 
ATOM   360 C C4    . G   A 1 17 ? -2.769  -15.786 -14.766 1.00 67.13  ? 17  G   A C4    1 
ATOM   361 P P     . A   A 1 18 ? -3.701  -21.840 -16.249 1.00 70.01  ? 18  A   A P     1 
ATOM   362 O OP1   . A   A 1 18 ? -4.486  -22.982 -16.761 1.00 76.98  ? 18  A   A OP1   1 
ATOM   363 O OP2   . A   A 1 18 ? -2.435  -22.060 -15.488 1.00 60.38  ? 18  A   A OP2   1 
ATOM   364 O "O5'" . A   A 1 18 ? -3.470  -20.958 -17.542 1.00 60.09  ? 18  A   A "O5'" 1 
ATOM   365 C "C5'" . A   A 1 18 ? -2.157  -20.651 -18.009 1.00 56.76  ? 18  A   A "C5'" 1 
ATOM   366 C "C4'" . A   A 1 18 ? -2.328  -20.187 -19.420 1.00 53.63  ? 18  A   A "C4'" 1 
ATOM   367 O "O4'" . A   A 1 18 ? -3.397  -20.992 -19.943 1.00 50.11  ? 18  A   A "O4'" 1 
ATOM   368 C "C3'" . A   A 1 18 ? -2.800  -18.744 -19.555 1.00 58.05  ? 18  A   A "C3'" 1 
ATOM   369 O "O3'" . A   A 1 18 ? -1.685  -17.856 -19.657 1.00 67.32  ? 18  A   A "O3'" 1 
ATOM   370 C "C2'" . A   A 1 18 ? -3.732  -18.782 -20.761 1.00 52.32  ? 18  A   A "C2'" 1 
ATOM   371 O "O2'" . A   A 1 18 ? -3.228  -18.526 -22.050 1.00 53.80  ? 18  A   A "O2'" 1 
ATOM   372 C "C1'" . A   A 1 18 ? -4.261  -20.207 -20.713 1.00 48.02  ? 18  A   A "C1'" 1 
ATOM   373 N N9    . A   A 1 18 ? -5.604  -20.333 -20.168 1.00 45.51  ? 18  A   A N9    1 
ATOM   374 C C8    . A   A 1 18 ? -6.084  -21.065 -19.106 1.00 43.93  ? 18  A   A C8    1 
ATOM   375 N N7    . A   A 1 18 ? -7.383  -20.979 -18.952 1.00 41.75  ? 18  A   A N7    1 
ATOM   376 C C5    . A   A 1 18 ? -7.787  -20.151 -19.991 1.00 40.49  ? 18  A   A C5    1 
ATOM   377 C C6    . A   A 1 18 ? -9.046  -19.664 -20.379 1.00 41.26  ? 18  A   A C6    1 
ATOM   378 N N6    . A   A 1 18 ? -10.179 -19.976 -19.757 1.00 45.61  ? 18  A   A N6    1 
ATOM   379 N N1    . A   A 1 18 ? -9.101  -18.834 -21.444 1.00 40.90  ? 18  A   A N1    1 
ATOM   380 C C2    . A   A 1 18 ? -7.962  -18.544 -22.091 1.00 46.25  ? 18  A   A C2    1 
ATOM   381 N N3    . A   A 1 18 ? -6.717  -18.937 -21.820 1.00 44.93  ? 18  A   A N3    1 
ATOM   382 C C4    . A   A 1 18 ? -6.700  -19.749 -20.748 1.00 43.78  ? 18  A   A C4    1 
ATOM   383 P P     . A   A 1 19 ? -1.446  -16.700 -18.553 1.00 69.64  ? 19  A   A P     1 
ATOM   384 O OP1   . A   A 1 19 ? -0.035  -16.276 -18.622 1.00 69.19  ? 19  A   A OP1   1 
ATOM   385 O OP2   . A   A 1 19 ? -1.958  -17.152 -17.235 1.00 65.49  ? 19  A   A OP2   1 
ATOM   386 O "O5'" . A   A 1 19 ? -2.326  -15.534 -19.168 1.00 60.85  ? 19  A   A "O5'" 1 
ATOM   387 C "C5'" . A   A 1 19 ? -1.982  -14.992 -20.444 1.00 56.17  ? 19  A   A "C5'" 1 
ATOM   388 C "C4'" . A   A 1 19 ? -3.250  -14.775 -21.202 1.00 56.50  ? 19  A   A "C4'" 1 
ATOM   389 O "O4'" . A   A 1 19 ? -4.085  -15.907 -20.934 1.00 52.27  ? 19  A   A "O4'" 1 
ATOM   390 C "C3'" . A   A 1 19 ? -4.130  -13.614 -20.749 1.00 61.51  ? 19  A   A "C3'" 1 
ATOM   391 O "O3'" . A   A 1 19 ? -3.649  -12.370 -21.238 1.00 76.15  ? 19  A   A "O3'" 1 
ATOM   392 C "C2'" . A   A 1 19 ? -5.483  -14.023 -21.315 1.00 57.62  ? 19  A   A "C2'" 1 
ATOM   393 O "O2'" . A   A 1 19 ? -5.689  -13.753 -22.699 1.00 53.14  ? 19  A   A "O2'" 1 
ATOM   394 C "C1'" . A   A 1 19 ? -5.441  -15.532 -21.081 1.00 55.24  ? 19  A   A "C1'" 1 
ATOM   395 N N9    . A   A 1 19 ? -6.177  -16.034 -19.922 1.00 53.74  ? 19  A   A N9    1 
ATOM   396 C C8    . A   A 1 19 ? -5.682  -16.631 -18.786 1.00 57.72  ? 19  A   A C8    1 
ATOM   397 N N7    . A   A 1 19 ? -6.612  -17.057 -17.964 1.00 51.18  ? 19  A   A N7    1 
ATOM   398 C C5    . A   A 1 19 ? -7.795  -16.742 -18.614 1.00 47.94  ? 19  A   A C5    1 
ATOM   399 C C6    . A   A 1 19 ? -9.137  -16.927 -18.263 1.00 51.00  ? 19  A   A C6    1 
ATOM   400 N N6    . A   A 1 19 ? -9.526  -17.491 -17.118 1.00 51.72  ? 19  A   A N6    1 
ATOM   401 N N1    . A   A 1 19 ? -10.080 -16.482 -19.124 1.00 52.97  ? 19  A   A N1    1 
ATOM   402 C C2    . A   A 1 19 ? -9.684  -15.903 -20.266 1.00 53.28  ? 19  A   A C2    1 
ATOM   403 N N3    . A   A 1 19 ? -8.450  -15.675 -20.708 1.00 50.33  ? 19  A   A N3    1 
ATOM   404 C C4    . A   A 1 19 ? -7.542  -16.119 -19.824 1.00 48.77  ? 19  A   A C4    1 
ATOM   405 P P     . A   A 1 20 ? -3.768  -11.041 -20.352 1.00 75.76  ? 20  A   A P     1 
ATOM   406 O OP1   . A   A 1 20 ? -3.312  -9.913  -21.217 1.00 73.68  ? 20  A   A OP1   1 
ATOM   407 O OP2   . A   A 1 20 ? -3.092  -11.286 -19.040 1.00 58.53  ? 20  A   A OP2   1 
ATOM   408 O "O5'" . A   A 1 20 ? -5.346  -10.864 -20.210 1.00 69.63  ? 20  A   A "O5'" 1 
ATOM   409 C "C5'" . A   A 1 20 ? -6.085  -10.161 -21.235 1.00 73.05  ? 20  A   A "C5'" 1 
ATOM   410 C "C4'" . A   A 1 20 ? -7.577  -10.193 -20.972 1.00 75.82  ? 20  A   A "C4'" 1 
ATOM   411 O "O4'" . A   A 1 20 ? -8.021  -11.571 -20.861 1.00 75.33  ? 20  A   A "O4'" 1 
ATOM   412 C "C3'" . A   A 1 20 ? -8.095  -9.515  -19.699 1.00 80.47  ? 20  A   A "C3'" 1 
ATOM   413 O "O3'" . A   A 1 20 ? -8.291  -8.104  -19.827 1.00 84.43  ? 20  A   A "O3'" 1 
ATOM   414 C "C2'" . A   A 1 20 ? -9.407  -10.263 -19.469 1.00 75.53  ? 20  A   A "C2'" 1 
ATOM   415 O "O2'" . A   A 1 20 ? -10.532 -9.864  -20.239 1.00 69.12  ? 20  A   A "O2'" 1 
ATOM   416 C "C1'" . A   A 1 20 ? -8.975  -11.683 -19.815 1.00 68.05  ? 20  A   A "C1'" 1 
ATOM   417 N N9    . A   A 1 20 ? -8.347  -12.372 -18.689 1.00 57.83  ? 20  A   A N9    1 
ATOM   418 C C8    . A   A 1 20 ? -7.031  -12.369 -18.293 1.00 56.09  ? 20  A   A C8    1 
ATOM   419 N N7    . A   A 1 20 ? -6.798  -13.103 -17.235 1.00 52.90  ? 20  A   A N7    1 
ATOM   420 C C5    . A   A 1 20 ? -8.040  -13.628 -16.915 1.00 48.36  ? 20  A   A C5    1 
ATOM   421 C C6    . A   A 1 20 ? -8.462  -14.485 -15.890 1.00 51.05  ? 20  A   A C6    1 
ATOM   422 N N6    . A   A 1 20 ? -7.642  -14.985 -14.967 1.00 60.35  ? 20  A   A N6    1 
ATOM   423 N N1    . A   A 1 20 ? -9.774  -14.813 -15.840 1.00 49.93  ? 20  A   A N1    1 
ATOM   424 C C2    . A   A 1 20 ? -10.593 -14.307 -16.771 1.00 55.90  ? 20  A   A C2    1 
ATOM   425 N N3    . A   A 1 20 ? -10.309 -13.497 -17.796 1.00 51.46  ? 20  A   A N3    1 
ATOM   426 C C4    . A   A 1 20 ? -9.002  -13.188 -17.803 1.00 49.34  ? 20  A   A C4    1 
ATOM   427 P P     . G   A 1 21 ? -8.218  -7.121  -18.548 1.00 70.18  ? 21  G   A P     1 
ATOM   428 O OP1   . G   A 1 21 ? -9.276  -6.084  -18.748 1.00 64.95  ? 21  G   A OP1   1 
ATOM   429 O OP2   . G   A 1 21 ? -6.792  -6.762  -18.317 1.00 60.50  ? 21  G   A OP2   1 
ATOM   430 O "O5'" . G   A 1 21 ? -8.622  -8.044  -17.314 1.00 71.56  ? 21  G   A "O5'" 1 
ATOM   431 C "C5'" . G   A 1 21 ? -9.499  -7.561  -16.275 1.00 67.67  ? 21  G   A "C5'" 1 
ATOM   432 C "C4'" . G   A 1 21 ? -10.057 -8.711  -15.477 1.00 61.76  ? 21  G   A "C4'" 1 
ATOM   433 O "O4'" . G   A 1 21 ? -9.548  -9.954  -16.007 1.00 56.53  ? 21  G   A "O4'" 1 
ATOM   434 C "C3'" . G   A 1 21 ? -9.672  -8.738  -14.009 1.00 62.33  ? 21  G   A "C3'" 1 
ATOM   435 O "O3'" . G   A 1 21 ? -10.606 -7.990  -13.277 1.00 69.47  ? 21  G   A "O3'" 1 
ATOM   436 C "C2'" . G   A 1 21 ? -9.756  -10.216 -13.687 1.00 58.60  ? 21  G   A "C2'" 1 
ATOM   437 O "O2'" . G   A 1 21 ? -11.045 -10.774 -13.522 1.00 63.28  ? 21  G   A "O2'" 1 
ATOM   438 C "C1'" . G   A 1 21 ? -9.135  -10.785 -14.946 1.00 54.14  ? 21  G   A "C1'" 1 
ATOM   439 N N9    . G   A 1 21 ? -7.688  -10.758 -14.874 1.00 47.79  ? 21  G   A N9    1 
ATOM   440 C C8    . G   A 1 21 ? -6.802  -9.998  -15.597 1.00 47.24  ? 21  G   A C8    1 
ATOM   441 N N7    . G   A 1 21 ? -5.557  -10.252 -15.303 1.00 48.61  ? 21  G   A N7    1 
ATOM   442 C C5    . G   A 1 21 ? -5.630  -11.232 -14.325 1.00 47.56  ? 21  G   A C5    1 
ATOM   443 C C6    . G   A 1 21 ? -4.603  -11.905 -13.622 1.00 51.90  ? 21  G   A C6    1 
ATOM   444 O O6    . G   A 1 21 ? -3.384  -11.763 -13.723 1.00 60.58  ? 21  G   A O6    1 
ATOM   445 N N1    . G   A 1 21 ? -5.116  -12.835 -12.725 1.00 50.18  ? 21  G   A N1    1 
ATOM   446 C C2    . G   A 1 21 ? -6.451  -13.089 -12.534 1.00 51.11  ? 21  G   A C2    1 
ATOM   447 N N2    . G   A 1 21 ? -6.751  -14.019 -11.613 1.00 52.68  ? 21  G   A N2    1 
ATOM   448 N N3    . G   A 1 21 ? -7.422  -12.464 -13.183 1.00 46.10  ? 21  G   A N3    1 
ATOM   449 C C4    . G   A 1 21 ? -6.940  -11.554 -14.053 1.00 46.44  ? 21  G   A C4    1 
ATOM   450 P P     . G   A 1 22 ? -10.110 -6.954  -12.202 1.00 75.23  ? 22  G   A P     1 
ATOM   451 O OP1   . G   A 1 22 ? -11.109 -5.846  -12.202 1.00 69.29  ? 22  G   A OP1   1 
ATOM   452 O OP2   . G   A 1 22 ? -8.678  -6.631  -12.500 1.00 64.28  ? 22  G   A OP2   1 
ATOM   453 O "O5'" . G   A 1 22 ? -10.058 -7.824  -10.868 1.00 69.59  ? 22  G   A "O5'" 1 
ATOM   454 C "C5'" . G   A 1 22 ? -11.044 -8.828  -10.547 1.00 66.48  ? 22  G   A "C5'" 1 
ATOM   455 C "C4'" . G   A 1 22 ? -10.373 -9.946  -9.796  1.00 65.10  ? 22  G   A "C4'" 1 
ATOM   456 O "O4'" . G   A 1 22 ? -9.309  -10.474 -10.619 1.00 60.18  ? 22  G   A "O4'" 1 
ATOM   457 C "C3'" . G   A 1 22 ? -9.644  -9.559  -8.517  1.00 64.62  ? 22  G   A "C3'" 1 
ATOM   458 O "O3'" . G   A 1 22 ? -10.473 -9.541  -7.364  1.00 67.70  ? 22  G   A "O3'" 1 
ATOM   459 C "C2'" . G   A 1 22 ? -8.674  -10.713 -8.349  1.00 59.02  ? 22  G   A "C2'" 1 
ATOM   460 O "O2'" . G   A 1 22 ? -9.410  -11.799 -7.849  1.00 58.68  ? 22  G   A "O2'" 1 
ATOM   461 C "C1'" . G   A 1 22 ? -8.311  -11.029 -9.792  1.00 53.49  ? 22  G   A "C1'" 1 
ATOM   462 N N9    . G   A 1 22 ? -7.017  -10.535 -10.231 1.00 50.95  ? 22  G   A N9    1 
ATOM   463 C C8    . G   A 1 22 ? -6.757  -9.591  -11.198 1.00 59.03  ? 22  G   A C8    1 
ATOM   464 N N7    . G   A 1 22 ? -5.481  -9.436  -11.432 1.00 57.75  ? 22  G   A N7    1 
ATOM   465 C C5    . G   A 1 22 ? -4.864  -10.340 -10.577 1.00 53.93  ? 22  G   A C5    1 
ATOM   466 C C6    . G   A 1 22 ? -3.483  -10.619 -10.369 1.00 53.00  ? 22  G   A C6    1 
ATOM   467 O O6    . G   A 1 22 ? -2.502  -10.109 -10.921 1.00 51.89  ? 22  G   A O6    1 
ATOM   468 N N1    . G   A 1 22 ? -3.300  -11.605 -9.407  1.00 48.62  ? 22  G   A N1    1 
ATOM   469 C C2    . G   A 1 22 ? -4.313  -12.244 -8.731  1.00 52.78  ? 22  G   A C2    1 
ATOM   470 N N2    . G   A 1 22 ? -3.935  -13.174 -7.843  1.00 56.53  ? 22  G   A N2    1 
ATOM   471 N N3    . G   A 1 22 ? -5.602  -11.994 -8.917  1.00 47.71  ? 22  G   A N3    1 
ATOM   472 C C4    . G   A 1 22 ? -5.801  -11.033 -9.840  1.00 49.14  ? 22  G   A C4    1 
ATOM   473 O "O5'" . C   B 2 1  ? -5.316  -7.443  -1.806  1.00 81.41  ? 1   C   B "O5'" 1 
ATOM   474 C "C5'" . C   B 2 1  ? -5.178  -8.257  -0.620  1.00 82.69  ? 1   C   B "C5'" 1 
ATOM   475 C "C4'" . C   B 2 1  ? -3.761  -8.763  -0.481  1.00 77.77  ? 1   C   B "C4'" 1 
ATOM   476 O "O4'" . C   B 2 1  ? -3.334  -9.317  -1.748  1.00 74.83  ? 1   C   B "O4'" 1 
ATOM   477 C "C3'" . C   B 2 1  ? -2.696  -7.727  -0.167  1.00 75.27  ? 1   C   B "C3'" 1 
ATOM   478 O "O3'" . C   B 2 1  ? -2.595  -7.487  1.217   1.00 82.40  ? 1   C   B "O3'" 1 
ATOM   479 C "C2'" . C   B 2 1  ? -1.435  -8.392  -0.693  1.00 65.59  ? 1   C   B "C2'" 1 
ATOM   480 O "O2'" . C   B 2 1  ? -0.862  -9.386  0.133   1.00 60.23  ? 1   C   B "O2'" 1 
ATOM   481 C "C1'" . C   B 2 1  ? -1.970  -9.023  -1.965  1.00 57.79  ? 1   C   B "C1'" 1 
ATOM   482 N N1    . C   B 2 1  ? -1.881  -8.139  -3.118  1.00 48.73  ? 1   C   B N1    1 
ATOM   483 C C2    . C   B 2 1  ? -0.632  -7.975  -3.703  1.00 50.50  ? 1   C   B C2    1 
ATOM   484 O O2    . C   B 2 1  ? 0.344   -8.550  -3.188  1.00 50.28  ? 1   C   B O2    1 
ATOM   485 N N3    . C   B 2 1  ? -0.513  -7.192  -4.809  1.00 47.30  ? 1   C   B N3    1 
ATOM   486 C C4    . C   B 2 1  ? -1.596  -6.605  -5.328  1.00 43.13  ? 1   C   B C4    1 
ATOM   487 N N4    . C   B 2 1  ? -1.439  -5.834  -6.405  1.00 43.26  ? 1   C   B N4    1 
ATOM   488 C C5    . C   B 2 1  ? -2.891  -6.778  -4.759  1.00 42.80  ? 1   C   B C5    1 
ATOM   489 C C6    . C   B 2 1  ? -2.986  -7.545  -3.665  1.00 43.82  ? 1   C   B C6    1 
ATOM   490 P P     . U   B 2 2  ? -2.314  -6.025  1.713   1.00 85.00  ? 2   U   B P     1 
ATOM   491 O OP1   . U   B 2 2  ? -2.336  -6.075  3.205   1.00 83.09  ? 2   U   B OP1   1 
ATOM   492 O OP2   . U   B 2 2  ? -3.214  -5.102  0.944   1.00 64.87  ? 2   U   B OP2   1 
ATOM   493 O "O5'" . U   B 2 2  ? -0.824  -5.756  1.209   1.00 70.66  ? 2   U   B "O5'" 1 
ATOM   494 C "C5'" . U   B 2 2  ? 0.325   -6.172  1.973   1.00 60.58  ? 2   U   B "C5'" 1 
ATOM   495 C "C4'" . U   B 2 2  ? 1.557   -6.006  1.123   1.00 55.98  ? 2   U   B "C4'" 1 
ATOM   496 O "O4'" . U   B 2 2  ? 1.246   -6.388  -0.239  1.00 47.31  ? 2   U   B "O4'" 1 
ATOM   497 C "C3'" . U   B 2 2  ? 2.067   -4.586  0.964   1.00 59.49  ? 2   U   B "C3'" 1 
ATOM   498 O "O3'" . U   B 2 2  ? 2.883   -4.232  2.070   1.00 64.55  ? 2   U   B "O3'" 1 
ATOM   499 C "C2'" . U   B 2 2  ? 2.904   -4.713  -0.299  1.00 54.83  ? 2   U   B "C2'" 1 
ATOM   500 O "O2'" . U   B 2 2  ? 4.109   -5.395  -0.053  1.00 61.84  ? 2   U   B "O2'" 1 
ATOM   501 C "C1'" . U   B 2 2  ? 2.050   -5.652  -1.143  1.00 48.02  ? 2   U   B "C1'" 1 
ATOM   502 N N1    . U   B 2 2  ? 1.178   -4.974  -2.116  1.00 47.29  ? 2   U   B N1    1 
ATOM   503 C C2    . U   B 2 2  ? 1.745   -4.524  -3.300  1.00 49.56  ? 2   U   B C2    1 
ATOM   504 O O2    . U   B 2 2  ? 2.932   -4.642  -3.554  1.00 50.57  ? 2   U   B O2    1 
ATOM   505 N N3    . U   B 2 2  ? 0.870   -3.916  -4.169  1.00 51.61  ? 2   U   B N3    1 
ATOM   506 C C4    . U   B 2 2  ? -0.485  -3.708  -3.983  1.00 54.25  ? 2   U   B C4    1 
ATOM   507 O O4    . U   B 2 2  ? -1.141  -3.125  -4.854  1.00 49.81  ? 2   U   B O4    1 
ATOM   508 C C5    . U   B 2 2  ? -0.995  -4.202  -2.737  1.00 55.22  ? 2   U   B C5    1 
ATOM   509 C C6    . U   B 2 2  ? -0.169  -4.810  -1.872  1.00 51.18  ? 2   U   B C6    1 
ATOM   510 P P     . A   B 2 3  ? 2.670   -2.860  2.863   1.00 64.38  ? 3   A   B P     1 
ATOM   511 O OP1   . A   B 2 3  ? 3.676   -2.826  3.974   1.00 59.38  ? 3   A   B OP1   1 
ATOM   512 O OP2   . A   B 2 3  ? 1.222   -2.660  3.108   1.00 57.09  ? 3   A   B OP2   1 
ATOM   513 O "O5'" . A   B 2 3  ? 3.077   -1.734  1.823   1.00 62.95  ? 3   A   B "O5'" 1 
ATOM   514 C "C5'" . A   B 2 3  ? 3.531   -0.452  2.315   1.00 61.31  ? 3   A   B "C5'" 1 
ATOM   515 C "C4'" . A   B 2 3  ? 4.916   -0.170  1.795   1.00 56.75  ? 3   A   B "C4'" 1 
ATOM   516 O "O4'" . A   B 2 3  ? 4.829   0.042   0.358   1.00 53.07  ? 3   A   B "O4'" 1 
ATOM   517 C "C3'" . A   B 2 3  ? 5.597   1.092   2.315   1.00 54.68  ? 3   A   B "C3'" 1 
ATOM   518 O "O3'" . A   B 2 3  ? 7.005   0.834   2.141   1.00 56.21  ? 3   A   B "O3'" 1 
ATOM   519 C "C2'" . A   B 2 3  ? 4.958   2.144   1.414   1.00 50.42  ? 3   A   B "C2'" 1 
ATOM   520 O "O2'" . A   B 2 3  ? 5.623   3.389   1.355   1.00 51.53  ? 3   A   B "O2'" 1 
ATOM   521 C "C1'" . A   B 2 3  ? 4.985   1.413   0.072   1.00 47.85  ? 3   A   B "C1'" 1 
ATOM   522 N N9    . A   B 2 3  ? 3.933   1.793   -0.856  1.00 43.29  ? 3   A   B N9    1 
ATOM   523 C C8    . A   B 2 3  ? 2.581   1.606   -0.732  1.00 45.39  ? 3   A   B C8    1 
ATOM   524 N N7    . A   B 2 3  ? 1.888   2.080   -1.739  1.00 47.91  ? 3   A   B N7    1 
ATOM   525 C C5    . A   B 2 3  ? 2.850   2.608   -2.588  1.00 42.52  ? 3   A   B C5    1 
ATOM   526 C C6    . A   B 2 3  ? 2.766   3.264   -3.835  1.00 42.47  ? 3   A   B C6    1 
ATOM   527 N N6    . A   B 2 3  ? 1.620   3.493   -4.480  1.00 44.03  ? 3   A   B N6    1 
ATOM   528 N N1    . A   B 2 3  ? 3.916   3.680   -4.404  1.00 40.78  ? 3   A   B N1    1 
ATOM   529 C C2    . A   B 2 3  ? 5.067   3.442   -3.765  1.00 44.82  ? 3   A   B C2    1 
ATOM   530 N N3    . A   B 2 3  ? 5.275   2.830   -2.598  1.00 43.22  ? 3   A   B N3    1 
ATOM   531 C C4    . A   B 2 3  ? 4.114   2.424   -2.061  1.00 40.52  ? 3   A   B C4    1 
ATOM   532 P P     . U   B 2 4  ? 8.159   1.797   2.742   1.00 56.47  ? 4   U   B P     1 
ATOM   533 O OP1   . U   B 2 4  ? 8.968   1.009   3.705   1.00 41.79  ? 4   U   B OP1   1 
ATOM   534 O OP2   . U   B 2 4  ? 7.533   3.073   3.203   1.00 64.21  ? 4   U   B OP2   1 
ATOM   535 O "O5'" . U   B 2 4  ? 8.956   2.216   1.430   1.00 46.77  ? 4   U   B "O5'" 1 
ATOM   536 C "C5'" . U   B 2 4  ? 10.052  3.118   1.532   1.00 51.12  ? 4   U   B "C5'" 1 
ATOM   537 C "C4'" . U   B 2 4  ? 10.433  3.651   0.177   1.00 53.62  ? 4   U   B "C4'" 1 
ATOM   538 O "O4'" . U   B 2 4  ? 10.715  2.561   -0.746  1.00 55.83  ? 4   U   B "O4'" 1 
ATOM   539 C "C3'" . U   B 2 4  ? 9.384   4.492   -0.525  1.00 56.53  ? 4   U   B "C3'" 1 
ATOM   540 O "O3'" . U   B 2 4  ? 9.378   5.831   -0.033  1.00 57.30  ? 4   U   B "O3'" 1 
ATOM   541 C "C2'" . U   B 2 4  ? 9.814   4.350   -1.980  1.00 58.36  ? 4   U   B "C2'" 1 
ATOM   542 O "O2'" . U   B 2 4  ? 10.938  5.122   -2.355  1.00 60.32  ? 4   U   B "O2'" 1 
ATOM   543 C "C1'" . U   B 2 4  ? 10.191  2.870   -2.029  1.00 55.42  ? 4   U   B "C1'" 1 
ATOM   544 N N1    . U   B 2 4  ? 9.062   1.969   -2.297  1.00 51.65  ? 4   U   B N1    1 
ATOM   545 C C2    . U   B 2 4  ? 8.470   2.006   -3.546  1.00 52.89  ? 4   U   B C2    1 
ATOM   546 O O2    . U   B 2 4  ? 8.832   2.762   -4.429  1.00 57.66  ? 4   U   B O2    1 
ATOM   547 N N3    . U   B 2 4  ? 7.430   1.127   -3.719  1.00 53.81  ? 4   U   B N3    1 
ATOM   548 C C4    . U   B 2 4  ? 6.936   0.228   -2.796  1.00 58.24  ? 4   U   B C4    1 
ATOM   549 O O4    . U   B 2 4  ? 5.986   -0.498  -3.100  1.00 58.43  ? 4   U   B O4    1 
ATOM   550 C C5    . U   B 2 4  ? 7.607   0.245   -1.535  1.00 61.01  ? 4   U   B C5    1 
ATOM   551 C C6    . U   B 2 4  ? 8.616   1.098   -1.332  1.00 57.61  ? 4   U   B C6    1 
ATOM   552 P P     . G   B 2 5  ? 8.073   6.421   0.714   1.00 64.39  ? 5   G   B P     1 
ATOM   553 O OP1   . G   B 2 5  ? 8.394   7.798   1.161   1.00 78.08  ? 5   G   B OP1   1 
ATOM   554 O OP2   . G   B 2 5  ? 7.586   5.414   1.705   1.00 55.73  ? 5   G   B OP2   1 
ATOM   555 O "O5'" . G   B 2 5  ? 7.058   6.680   -0.482  1.00 51.86  ? 5   G   B "O5'" 1 
ATOM   556 C "C5'" . G   B 2 5  ? 7.520   7.285   -1.708  1.00 51.44  ? 5   G   B "C5'" 1 
ATOM   557 C "C4'" . G   B 2 5  ? 6.342   7.769   -2.513  1.00 53.14  ? 5   G   B "C4'" 1 
ATOM   558 O "O4'" . G   B 2 5  ? 5.524   6.640   -2.927  1.00 54.57  ? 5   G   B "O4'" 1 
ATOM   559 C "C3'" . G   B 2 5  ? 5.385   8.665   -1.754  1.00 58.59  ? 5   G   B "C3'" 1 
ATOM   560 O "O3'" . G   B 2 5  ? 5.916   9.975   -1.796  1.00 66.36  ? 5   G   B "O3'" 1 
ATOM   561 C "C2'" . G   B 2 5  ? 4.081   8.454   -2.508  1.00 55.63  ? 5   G   B "C2'" 1 
ATOM   562 O "O2'" . G   B 2 5  ? 3.994   9.265   -3.663  1.00 53.27  ? 5   G   B "O2'" 1 
ATOM   563 C "C1'" . G   B 2 5  ? 4.143   6.948   -2.771  1.00 51.16  ? 5   G   B "C1'" 1 
ATOM   564 N N9    . G   B 2 5  ? 3.617   6.144   -1.666  1.00 47.49  ? 5   G   B N9    1 
ATOM   565 C C8    . G   B 2 5  ? 4.339   5.344   -0.813  1.00 45.41  ? 5   G   B C8    1 
ATOM   566 N N7    . G   B 2 5  ? 3.597   4.753   0.085   1.00 44.06  ? 5   G   B N7    1 
ATOM   567 C C5    . G   B 2 5  ? 2.314   5.208   -0.177  1.00 40.01  ? 5   G   B C5    1 
ATOM   568 C C6    . G   B 2 5  ? 1.097   4.932   0.484   1.00 41.69  ? 5   G   B C6    1 
ATOM   569 O O6    . G   B 2 5  ? 0.902   4.211   1.464   1.00 46.66  ? 5   G   B O6    1 
ATOM   570 N N1    . G   B 2 5  ? 0.029   5.585   -0.116  1.00 41.49  ? 5   G   B N1    1 
ATOM   571 C C2    . G   B 2 5  ? 0.125   6.419   -1.202  1.00 44.36  ? 5   G   B C2    1 
ATOM   572 N N2    . G   B 2 5  ? -1.023  6.975   -1.631  1.00 43.96  ? 5   G   B N2    1 
ATOM   573 N N3    . G   B 2 5  ? 1.259   6.684   -1.830  1.00 41.94  ? 5   G   B N3    1 
ATOM   574 C C4    . G   B 2 5  ? 2.308   6.058   -1.260  1.00 40.80  ? 5   G   B C4    1 
ATOM   575 P P     . C   B 2 6  ? 5.592   10.985  -0.636  1.00 63.27  ? 6   C   B P     1 
ATOM   576 O OP1   . C   B 2 6  ? 6.281   12.239  -0.984  1.00 63.69  ? 6   C   B OP1   1 
ATOM   577 O OP2   . C   B 2 6  ? 5.848   10.317  0.685   1.00 53.03  ? 6   C   B OP2   1 
ATOM   578 O "O5'" . C   B 2 6  ? 4.028   11.178  -0.820  1.00 56.16  ? 6   C   B "O5'" 1 
ATOM   579 C "C5'" . C   B 2 6  ? 3.225   11.411  0.327   1.00 58.34  ? 6   C   B "C5'" 1 
ATOM   580 C "C4'" . C   B 2 6  ? 1.782   11.280  -0.056  1.00 59.56  ? 6   C   B "C4'" 1 
ATOM   581 O "O4'" . C   B 2 6  ? 1.514   9.893   -0.371  1.00 57.71  ? 6   C   B "O4'" 1 
ATOM   582 C "C3'" . C   B 2 6  ? 0.790   11.651  1.036   1.00 61.15  ? 6   C   B "C3'" 1 
ATOM   583 O "O3'" . C   B 2 6  ? 0.521   13.052  1.012   1.00 64.30  ? 6   C   B "O3'" 1 
ATOM   584 C "C2'" . C   B 2 6  ? -0.407  10.768  0.700   1.00 58.58  ? 6   C   B "C2'" 1 
ATOM   585 O "O2'" . C   B 2 6  ? -1.328  11.294  -0.240  1.00 56.46  ? 6   C   B "O2'" 1 
ATOM   586 C "C1'" . C   B 2 6  ? 0.299   9.494   0.237   1.00 53.03  ? 6   C   B "C1'" 1 
ATOM   587 N N1    . C   B 2 6  ? 0.610   8.567   1.338   1.00 47.26  ? 6   C   B N1    1 
ATOM   588 C C2    . C   B 2 6  ? -0.443  7.856   1.920   1.00 46.96  ? 6   C   B C2    1 
ATOM   589 O O2    . C   B 2 6  ? -1.596  8.045   1.501   1.00 50.03  ? 6   C   B O2    1 
ATOM   590 N N3    . C   B 2 6  ? -0.183  6.989   2.926   1.00 43.04  ? 6   C   B N3    1 
ATOM   591 C C4    . C   B 2 6  ? 1.067   6.832   3.362   1.00 43.77  ? 6   C   B C4    1 
ATOM   592 N N4    . C   B 2 6  ? 1.278   5.977   4.365   1.00 44.86  ? 6   C   B N4    1 
ATOM   593 C C5    . C   B 2 6  ? 2.159   7.551   2.791   1.00 44.13  ? 6   C   B C5    1 
ATOM   594 C C6    . C   B 2 6  ? 1.888   8.401   1.793   1.00 42.91  ? 6   C   B C6    1 
ATOM   595 P P     . C   B 2 7  ? 0.682   13.970  2.349   1.00 60.89  ? 7   C   B P     1 
ATOM   596 O OP1   . C   B 2 7  ? 0.873   15.372  1.890   1.00 60.25  ? 7   C   B OP1   1 
ATOM   597 O OP2   . C   B 2 7  ? 1.657   13.344  3.291   1.00 48.38  ? 7   C   B OP2   1 
ATOM   598 O "O5'" . C   B 2 7  ? -0.759  13.859  3.006   1.00 63.11  ? 7   C   B "O5'" 1 
ATOM   599 C "C5'" . C   B 2 7  ? -1.916  14.144  2.208   1.00 68.48  ? 7   C   B "C5'" 1 
ATOM   600 C "C4'" . C   B 2 7  ? -3.154  13.781  2.972   1.00 74.08  ? 7   C   B "C4'" 1 
ATOM   601 O "O4'" . C   B 2 7  ? -3.407  12.355  2.849   1.00 75.08  ? 7   C   B "O4'" 1 
ATOM   602 C "C3'" . C   B 2 7  ? -3.095  14.009  4.472   1.00 75.52  ? 7   C   B "C3'" 1 
ATOM   603 O "O3'" . C   B 2 7  ? -3.286  15.385  4.745   1.00 79.91  ? 7   C   B "O3'" 1 
ATOM   604 C "C2'" . C   B 2 7  ? -4.195  13.075  4.932   1.00 75.10  ? 7   C   B "C2'" 1 
ATOM   605 O "O2'" . C   B 2 7  ? -5.466  13.629  4.636   1.00 79.72  ? 7   C   B "O2'" 1 
ATOM   606 C "C1'" . C   B 2 7  ? -3.866  11.842  4.091   1.00 71.14  ? 7   C   B "C1'" 1 
ATOM   607 N N1    . C   B 2 7  ? -2.808  10.973  4.656   1.00 65.67  ? 7   C   B N1    1 
ATOM   608 C C2    . C   B 2 7  ? -3.124  10.118  5.718   1.00 63.88  ? 7   C   B C2    1 
ATOM   609 O O2    . C   B 2 7  ? -4.275  10.131  6.175   1.00 68.59  ? 7   C   B O2    1 
ATOM   610 N N3    . C   B 2 7  ? -2.160  9.318   6.237   1.00 59.55  ? 7   C   B N3    1 
ATOM   611 C C4    . C   B 2 7  ? -0.927  9.344   5.725   1.00 64.08  ? 7   C   B C4    1 
ATOM   612 N N4    . C   B 2 7  ? -0.005  8.543   6.263   1.00 65.51  ? 7   C   B N4    1 
ATOM   613 C C5    . C   B 2 7  ? -0.581  10.196  4.636   1.00 67.89  ? 7   C   B C5    1 
ATOM   614 C C6    . C   B 2 7  ? -1.541  10.991  4.141   1.00 66.71  ? 7   C   B C6    1 
ATOM   615 P P     . U   B 2 8  ? -3.151  15.929  6.228   1.00 79.14  ? 8   U   B P     1 
ATOM   616 O OP1   . U   B 2 8  ? -3.188  17.403  6.170   1.00 77.00  ? 8   U   B OP1   1 
ATOM   617 O OP2   . U   B 2 8  ? -2.012  15.245  6.902   1.00 66.69  ? 8   U   B OP2   1 
ATOM   618 O "O5'" . U   B 2 8  ? -4.524  15.453  6.865   1.00 78.14  ? 8   U   B "O5'" 1 
ATOM   619 C "C5'" . U   B 2 8  ? -4.642  15.388  8.275   1.00 74.80  ? 8   U   B "C5'" 1 
ATOM   620 C "C4'" . U   B 2 8  ? -5.536  14.256  8.691   1.00 71.97  ? 8   U   B "C4'" 1 
ATOM   621 O "O4'" . U   B 2 8  ? -5.227  13.024  7.970   1.00 77.41  ? 8   U   B "O4'" 1 
ATOM   622 C "C3'" . U   B 2 8  ? -5.353  13.890  10.142  1.00 73.25  ? 8   U   B "C3'" 1 
ATOM   623 O "O3'" . U   B 2 8  ? -6.046  14.876  10.879  1.00 71.49  ? 8   U   B "O3'" 1 
ATOM   624 C "C2'" . U   B 2 8  ? -5.829  12.451  10.142  1.00 79.11  ? 8   U   B "C2'" 1 
ATOM   625 O "O2'" . U   B 2 8  ? -7.222  12.346  9.930   1.00 85.98  ? 8   U   B "O2'" 1 
ATOM   626 C "C1'" . U   B 2 8  ? -5.126  11.933  8.887   1.00 80.68  ? 8   U   B "C1'" 1 
ATOM   627 N N1    . U   B 2 8  ? -3.698  11.562  9.025   1.00 83.28  ? 8   U   B N1    1 
ATOM   628 C C2    . U   B 2 8  ? -3.323  10.576  9.936   1.00 79.25  ? 8   U   B C2    1 
ATOM   629 O O2    . U   B 2 8  ? -4.115  9.995   10.661  1.00 79.58  ? 8   U   B O2    1 
ATOM   630 N N3    . U   B 2 8  ? -1.973  10.313  9.979   1.00 76.02  ? 8   U   B N3    1 
ATOM   631 C C4    . U   B 2 8  ? -0.981  10.906  9.221   1.00 76.88  ? 8   U   B C4    1 
ATOM   632 O O4    . U   B 2 8  ? 0.193   10.573  9.385   1.00 67.82  ? 8   U   B O4    1 
ATOM   633 C C5    . U   B 2 8  ? -1.446  11.901  8.303   1.00 84.36  ? 8   U   B C5    1 
ATOM   634 C C6    . U   B 2 8  ? -2.753  12.188  8.237   1.00 86.11  ? 8   U   B C6    1 
ATOM   635 P P     . G   B 2 9  ? -5.258  16.112  11.546  1.00 73.96  ? 9   G   B P     1 
ATOM   636 O OP1   . G   B 2 9  ? -6.095  17.313  11.339  1.00 69.02  ? 9   G   B OP1   1 
ATOM   637 O OP2   . G   B 2 9  ? -3.859  16.134  11.081  1.00 70.22  ? 9   G   B OP2   1 
ATOM   638 O "O5'" . G   B 2 9  ? -5.150  15.664  13.070  1.00 74.62  ? 9   G   B "O5'" 1 
ATOM   639 C "C5'" . G   B 2 9  ? -6.335  15.245  13.775  1.00 79.53  ? 9   G   B "C5'" 1 
ATOM   640 C "C4'" . G   B 2 9  ? -6.047  14.019  14.595  1.00 78.95  ? 9   G   B "C4'" 1 
ATOM   641 O "O4'" . G   B 2 9  ? -5.585  12.938  13.751  1.00 76.37  ? 9   G   B "O4'" 1 
ATOM   642 C "C3'" . G   B 2 9  ? -4.933  14.176  15.611  1.00 82.72  ? 9   G   B "C3'" 1 
ATOM   643 O "O3'" . G   B 2 9  ? -5.443  14.842  16.752  1.00 88.43  ? 9   G   B "O3'" 1 
ATOM   644 C "C2'" . G   B 2 9  ? -4.534  12.732  15.881  1.00 77.33  ? 9   G   B "C2'" 1 
ATOM   645 O "O2'" . G   B 2 9  ? -5.196  12.122  16.965  1.00 70.89  ? 9   G   B "O2'" 1 
ATOM   646 C "C1'" . G   B 2 9  ? -4.726  12.093  14.502  1.00 79.36  ? 9   G   B "C1'" 1 
ATOM   647 N N9    . G   B 2 9  ? -3.441  12.024  13.821  1.00 82.84  ? 9   G   B N9    1 
ATOM   648 C C8    . G   B 2 9  ? -2.989  12.839  12.811  1.00 86.91  ? 9   G   B C8    1 
ATOM   649 N N7    . G   B 2 9  ? -1.761  12.575  12.454  1.00 81.77  ? 9   G   B N7    1 
ATOM   650 C C5    . G   B 2 9  ? -1.372  11.546  13.296  1.00 76.05  ? 9   G   B C5    1 
ATOM   651 C C6    . G   B 2 9  ? -0.142  10.856  13.389  1.00 74.20  ? 9   G   B C6    1 
ATOM   652 O O6    . G   B 2 9  ? 0.883   11.020  12.722  1.00 84.62  ? 9   G   B O6    1 
ATOM   653 N N1    . G   B 2 9  ? -0.168  9.894   14.394  1.00 71.54  ? 9   G   B N1    1 
ATOM   654 C C2    . G   B 2 9  ? -1.239  9.638   15.214  1.00 69.63  ? 9   G   B C2    1 
ATOM   655 N N2    . G   B 2 9  ? -1.068  8.674   16.130  1.00 69.88  ? 9   G   B N2    1 
ATOM   656 N N3    . G   B 2 9  ? -2.393  10.279  15.138  1.00 71.89  ? 9   G   B N3    1 
ATOM   657 C C4    . G   B 2 9  ? -2.391  11.209  14.160  1.00 77.45  ? 9   G   B C4    1 
ATOM   658 P P     . C   B 2 10 ? -4.566  15.938  17.488  1.00 87.54  ? 10  C   B P     1 
ATOM   659 O OP1   . C   B 2 10 ? -5.395  16.493  18.586  1.00 89.81  ? 10  C   B OP1   1 
ATOM   660 O OP2   . C   B 2 10 ? -3.989  16.847  16.454  1.00 77.08  ? 10  C   B OP2   1 
ATOM   661 O "O5'" . C   B 2 10 ? -3.450  15.059  18.202  1.00 75.61  ? 10  C   B "O5'" 1 
ATOM   662 C "C5'" . C   B 2 10 ? -3.803  14.314  19.370  1.00 71.75  ? 10  C   B "C5'" 1 
ATOM   663 C "C4'" . C   B 2 10 ? -2.879  13.141  19.545  1.00 73.09  ? 10  C   B "C4'" 1 
ATOM   664 O "O4'" . C   B 2 10 ? -2.651  12.470  18.280  1.00 74.01  ? 10  C   B "O4'" 1 
ATOM   665 C "C3'" . C   B 2 10 ? -1.473  13.484  19.984  1.00 72.30  ? 10  C   B "C3'" 1 
ATOM   666 O "O3'" . C   B 2 10 ? -1.353  13.867  21.331  1.00 70.39  ? 10  C   B "O3'" 1 
ATOM   667 C "C2'" . C   B 2 10 ? -0.731  12.203  19.656  1.00 75.90  ? 10  C   B "C2'" 1 
ATOM   668 O "O2'" . C   B 2 10 ? -0.831  11.164  20.602  1.00 71.84  ? 10  C   B "O2'" 1 
ATOM   669 C "C1'" . C   B 2 10 ? -1.371  11.846  18.313  1.00 81.88  ? 10  C   B "C1'" 1 
ATOM   670 N N1    . C   B 2 10 ? -0.557  12.333  17.180  1.00 93.73  ? 10  C   B N1    1 
ATOM   671 C C2    . C   B 2 10 ? 0.712   11.771  16.998  1.00 98.23  ? 10  C   B C2    1 
ATOM   672 O O2    . C   B 2 10 ? 1.092   10.882  17.777  1.00 92.98  ? 10  C   B O2    1 
ATOM   673 N N3    . C   B 2 10 ? 1.490   12.203  15.976  1.00 96.54  ? 10  C   B N3    1 
ATOM   674 C C4    . C   B 2 10 ? 1.042   13.158  15.157  1.00 97.50  ? 10  C   B C4    1 
ATOM   675 N N4    . C   B 2 10 ? 1.836   13.545  14.158  1.00 105.29 ? 10  C   B N4    1 
ATOM   676 C C5    . C   B 2 10 ? -0.238  13.763  15.329  1.00 92.26  ? 10  C   B C5    1 
ATOM   677 C C6    . C   B 2 10 ? -0.996  13.328  16.346  1.00 91.43  ? 10  C   B C6    1 
ATOM   678 P P     . U   B 2 11 ? -0.537  15.174  21.680  1.00 75.13  ? 11  U   B P     1 
ATOM   679 O OP1   . U   B 2 11 ? -0.784  15.496  23.107  1.00 80.05  ? 11  U   B OP1   1 
ATOM   680 O OP2   . U   B 2 11 ? -0.846  16.181  20.632  1.00 71.78  ? 11  U   B OP2   1 
ATOM   681 O "O5'" . U   B 2 11 ? 0.969   14.670  21.664  1.00 65.42  ? 11  U   B "O5'" 1 
ATOM   682 C "C5'" . U   B 2 11 ? 1.304   13.533  22.464  1.00 70.52  ? 11  U   B "C5'" 1 
ATOM   683 C "C4'" . U   B 2 11 ? 2.695   13.054  22.159  1.00 76.19  ? 11  U   B "C4'" 1 
ATOM   684 O "O4'" . U   B 2 11 ? 2.754   12.451  20.843  1.00 81.46  ? 11  U   B "O4'" 1 
ATOM   685 C "C3'" . U   B 2 11 ? 3.766   14.123  22.137  1.00 76.16  ? 11  U   B "C3'" 1 
ATOM   686 O "O3'" . U   B 2 11 ? 4.195   14.289  23.468  1.00 76.85  ? 11  U   B "O3'" 1 
ATOM   687 C "C2'" . U   B 2 11 ? 4.835   13.475  21.277  1.00 75.91  ? 11  U   B "C2'" 1 
ATOM   688 O "O2'" . U   B 2 11 ? 5.578   12.529  22.025  1.00 68.01  ? 11  U   B "O2'" 1 
ATOM   689 C "C1'" . U   B 2 11 ? 3.970   12.815  20.206  1.00 76.01  ? 11  U   B "C1'" 1 
ATOM   690 N N1    . U   B 2 11 ? 3.635   13.662  19.050  1.00 74.93  ? 11  U   B N1    1 
ATOM   691 C C2    . U   B 2 11 ? 4.496   13.668  17.967  1.00 75.75  ? 11  U   B C2    1 
ATOM   692 O O2    . U   B 2 11 ? 5.551   13.058  17.955  1.00 82.44  ? 11  U   B O2    1 
ATOM   693 N N3    . U   B 2 11 ? 4.086   14.440  16.909  1.00 71.04  ? 11  U   B N3    1 
ATOM   694 C C4    . U   B 2 11 ? 2.926   15.180  16.817  1.00 70.39  ? 11  U   B C4    1 
ATOM   695 O O4    . U   B 2 11 ? 2.698   15.830  15.799  1.00 68.84  ? 11  U   B O4    1 
ATOM   696 C C5    . U   B 2 11 ? 2.080   15.102  17.965  1.00 74.42  ? 11  U   B C5    1 
ATOM   697 C C6    . U   B 2 11 ? 2.455   14.367  19.016  1.00 74.93  ? 11  U   B C6    1 
ATOM   698 P P     . G   B 2 12 ? 4.947   15.596  23.857  1.00 77.65  ? 12  G   B P     1 
ATOM   699 O OP1   . G   B 2 12 ? 5.207   15.559  25.318  1.00 81.16  ? 12  G   B OP1   1 
ATOM   700 O OP2   . G   B 2 12 ? 4.175   16.726  23.267  1.00 81.48  ? 12  G   B OP2   1 
ATOM   701 O "O5'" . G   B 2 12 ? 6.370   15.400  23.169  1.00 69.60  ? 12  G   B "O5'" 1 
ATOM   702 C "C5'" . G   B 2 12 ? 7.405   14.627  23.799  1.00 71.63  ? 12  G   B "C5'" 1 
ATOM   703 C "C4'" . G   B 2 12 ? 8.641   14.654  22.941  1.00 73.91  ? 12  G   B "C4'" 1 
ATOM   704 O "O4'" . G   B 2 12 ? 8.221   14.649  21.548  1.00 71.08  ? 12  G   B "O4'" 1 
ATOM   705 C "C3'" . G   B 2 12 ? 9.517   15.897  23.101  1.00 76.25  ? 12  G   B "C3'" 1 
ATOM   706 O "O3'" . G   B 2 12 ? 10.896  15.683  22.801  1.00 71.28  ? 12  G   B "O3'" 1 
ATOM   707 C "C2'" . G   B 2 12 ? 8.948   16.830  22.044  1.00 74.13  ? 12  G   B "C2'" 1 
ATOM   708 O "O2'" . G   B 2 12 ? 9.872   17.816  21.635  1.00 78.15  ? 12  G   B "O2'" 1 
ATOM   709 C "C1'" . G   B 2 12 ? 8.654   15.837  20.925  1.00 68.60  ? 12  G   B "C1'" 1 
ATOM   710 N N9    . G   B 2 12 ? 7.621   16.275  20.003  1.00 66.14  ? 12  G   B N9    1 
ATOM   711 C C8    . G   B 2 12 ? 6.373   16.765  20.304  1.00 69.72  ? 12  G   B C8    1 
ATOM   712 N N7    . G   B 2 12 ? 5.677   17.077  19.245  1.00 71.49  ? 12  G   B N7    1 
ATOM   713 C C5    . G   B 2 12 ? 6.521   16.785  18.182  1.00 68.97  ? 12  G   B C5    1 
ATOM   714 C C6    . G   B 2 12 ? 6.321   16.920  16.786  1.00 62.88  ? 12  G   B C6    1 
ATOM   715 O O6    . G   B 2 12 ? 5.331   17.352  16.190  1.00 61.64  ? 12  G   B O6    1 
ATOM   716 N N1    . G   B 2 12 ? 7.433   16.498  16.066  1.00 59.78  ? 12  G   B N1    1 
ATOM   717 C C2    . G   B 2 12 ? 8.595   16.020  16.619  1.00 60.75  ? 12  G   B C2    1 
ATOM   718 N N2    . G   B 2 12 ? 9.558   15.664  15.760  1.00 62.84  ? 12  G   B N2    1 
ATOM   719 N N3    . G   B 2 12 ? 8.794   15.886  17.918  1.00 60.86  ? 12  G   B N3    1 
ATOM   720 C C4    . G   B 2 12 ? 7.723   16.285  18.635  1.00 66.47  ? 12  G   B C4    1 
HETATM 721 O O3P   . C5P C 3 .  ? -8.322  -12.588 -5.620  1.00 137.86 ? 101 C5P A O3P   1 
HETATM 722 P P     . C5P C 3 .  ? -8.560  -11.474 -4.498  1.00 121.62 ? 101 C5P A P     1 
HETATM 723 O O1P   . C5P C 3 .  ? -9.927  -11.740 -3.987  1.00 121.82 ? 101 C5P A O1P   1 
HETATM 724 O O2P   . C5P C 3 .  ? -8.248  -10.130 -5.067  1.00 108.72 ? 101 C5P A O2P   1 
HETATM 725 O "O5'" . C5P C 3 .  ? -7.497  -11.894 -3.385  1.00 109.60 ? 101 C5P A "O5'" 1 
HETATM 726 C "C5'" . C5P C 3 .  ? -7.401  -13.261 -2.912  1.00 108.40 ? 101 C5P A "C5'" 1 
HETATM 727 C "C4'" . C5P C 3 .  ? -6.135  -13.493 -2.101  1.00 108.97 ? 101 C5P A "C4'" 1 
HETATM 728 O "O4'" . C5P C 3 .  ? -5.056  -13.929 -2.981  1.00 96.42  ? 101 C5P A "O4'" 1 
HETATM 729 C "C3'" . C5P C 3 .  ? -5.561  -12.313 -1.314  1.00 103.48 ? 101 C5P A "C3'" 1 
HETATM 730 O "O3'" . C5P C 3 .  ? -6.100  -12.205 0.003   1.00 109.24 ? 101 C5P A "O3'" 1 
HETATM 731 C "C2'" . C5P C 3 .  ? -4.079  -12.656 -1.257  1.00 89.79  ? 101 C5P A "C2'" 1 
HETATM 732 O "O2'" . C5P C 3 .  ? -3.778  -13.579 -0.228  1.00 82.38  ? 101 C5P A "O2'" 1 
HETATM 733 C "C1'" . C5P C 3 .  ? -3.860  -13.248 -2.647  1.00 80.09  ? 101 C5P A "C1'" 1 
HETATM 734 N N1    . C5P C 3 .  ? -3.591  -12.269 -3.715  1.00 68.35  ? 101 C5P A N1    1 
HETATM 735 C C2    . C5P C 3 .  ? -2.266  -11.869 -3.959  1.00 70.44  ? 101 C5P A C2    1 
HETATM 736 N N3    . C5P C 3 .  ? -2.015  -11.005 -4.981  1.00 64.75  ? 101 C5P A N3    1 
HETATM 737 C C4    . C5P C 3 .  ? -3.021  -10.565 -5.746  1.00 64.40  ? 101 C5P A C4    1 
HETATM 738 C C5    . C5P C 3 .  ? -4.373  -10.961 -5.515  1.00 63.12  ? 101 C5P A C5    1 
HETATM 739 C C6    . C5P C 3 .  ? -4.608  -11.811 -4.507  1.00 60.93  ? 101 C5P A C6    1 
HETATM 740 O O2    . C5P C 3 .  ? -1.359  -12.300 -3.223  1.00 66.80  ? 101 C5P A O2    1 
HETATM 741 N N4    . C5P C 3 .  ? -2.738  -9.716  -6.742  1.00 61.13  ? 101 C5P A N4    1 
HETATM 742 O O     . HOH D 4 .  ? 4.735   6.126   5.875   1.00 49.52  ? 101 HOH B O     1 
# 
